data_8DT5
#
_entry.id   8DT5
#
_cell.length_a   124.700
_cell.length_b   124.700
_cell.length_c   129.186
_cell.angle_alpha   90.00
_cell.angle_beta   90.00
_cell.angle_gamma   120.00
#
_symmetry.space_group_name_H-M   'P 31'
#
loop_
_entity.id
_entity.type
_entity.pdbx_description
1 polymer Acetylcholinesterase
2 non-polymer 'DIETHYL PHOSPHONATE'
3 non-polymer GLYCEROL
4 non-polymer 4-carbamoyl-1-(3-{2-[(E)-(hydroxyimino)methyl]-1H-imidazol-1-yl}propyl)pyridin-1-ium
5 water water
#
_entity_poly.entity_id   1
_entity_poly.type   'polypeptide(L)'
_entity_poly.pdbx_seq_one_letter_code
;GPLEGREDAELLVTVRGGRLRGIRLKTPGGPVSAFLGIPFAEPPMGPRRFLPPEPKQPWSGVVDATTFQSVCYQYVDTLY
PGFEGTEMWNPNRELSEDCLYLNVWTPYPRPTSPTPVLVWIYGGGFYSGASSLDVYDGRFLVQAERTVLVSMNYRVGAFG
FLALPGSREAPGNVGLLDQRLALQWVQENVAAFGGDPTSVTLFGESAGAASVGMHLLSPPSRGLFHRAVLQSGAPNGPWA
TVGMGEARRRATQLAHLVGCPPGGTGGNDTELVACLRTRPAQVLVNHEWHVLPQESVFRFSFVPVVDGDFLSDTPEALIN
AGDFHGLQVLVGVVKDEGSYFLVYGAPGFSKDNESLISRAEFLAGVRVGVPQVSDLAAEAVVLHYTDWLHPEDPARLREA
LSDVVGDHNVVCPVAQLAGRLAAQGARVYAYVFEHRASTLSWPLWMGVPHGYEIEFIFGIPLDPSRNYTAEEKIFAQRLM
RYWANFARTGDPNEPRDPKAPQWPPYTAGAQQYVSLDLRPLEVRRGLRAQACAFWNRFLPKLLSATDTLD
;
_entity_poly.pdbx_strand_id   A,B
#
loop_
_chem_comp.id
_chem_comp.type
_chem_comp.name
_chem_comp.formula
DEP non-polymer 'DIETHYL PHOSPHONATE' 'C4 H11 O3 P'
GOL non-polymer GLYCEROL 'C3 H8 O3'
LND non-polymer 4-carbamoyl-1-(3-{2-[(E)-(hydroxyimino)methyl]-1H-imidazol-1-yl}propyl)pyridin-1-ium 'C13 H16 N5 O2 1'
#
# COMPACT_ATOMS: atom_id res chain seq x y z
N GLU A 7 38.61 17.01 18.88
CA GLU A 7 38.87 17.44 17.51
C GLU A 7 38.38 16.41 16.50
N ASP A 8 38.94 16.50 15.29
CA ASP A 8 38.69 15.50 14.26
C ASP A 8 39.36 14.17 14.56
N ALA A 9 40.21 14.12 15.61
CA ALA A 9 40.76 12.84 16.05
C ALA A 9 39.77 12.06 16.91
N GLU A 10 38.81 12.75 17.54
CA GLU A 10 37.79 12.07 18.32
C GLU A 10 36.76 11.36 17.44
N LEU A 11 36.73 11.66 16.14
CA LEU A 11 35.90 10.92 15.21
C LEU A 11 36.53 9.62 14.73
N LEU A 12 37.69 9.25 15.26
CA LEU A 12 38.35 7.99 14.94
C LEU A 12 38.40 7.14 16.19
N VAL A 13 37.95 5.89 16.09
CA VAL A 13 37.87 4.98 17.22
C VAL A 13 38.15 3.58 16.73
N THR A 14 38.90 2.81 17.53
CA THR A 14 39.20 1.42 17.25
C THR A 14 38.38 0.56 18.18
N VAL A 15 37.74 -0.48 17.62
CA VAL A 15 37.01 -1.47 18.40
C VAL A 15 37.63 -2.83 18.12
N ARG A 16 37.10 -3.88 18.75
CA ARG A 16 37.70 -5.20 18.66
C ARG A 16 37.82 -5.69 17.22
N GLY A 17 36.92 -5.27 16.35
CA GLY A 17 36.91 -5.78 14.99
C GLY A 17 37.71 -4.94 14.01
N GLY A 18 38.04 -3.72 14.38
CA GLY A 18 38.76 -2.85 13.47
C GLY A 18 38.55 -1.38 13.84
N ARG A 19 38.86 -0.52 12.87
CA ARG A 19 38.82 0.92 13.05
C ARG A 19 37.54 1.49 12.45
N LEU A 20 37.13 2.65 12.98
CA LEU A 20 35.91 3.32 12.58
C LEU A 20 36.15 4.80 12.46
N ARG A 21 35.45 5.43 11.51
CA ARG A 21 35.42 6.88 11.40
C ARG A 21 33.99 7.35 11.56
N GLY A 22 33.76 8.23 12.54
CA GLY A 22 32.45 8.73 12.84
C GLY A 22 32.19 10.08 12.19
N ILE A 23 31.14 10.74 12.66
CA ILE A 23 30.73 12.04 12.14
C ILE A 23 30.36 12.95 13.30
N ARG A 24 30.61 14.24 13.12
CA ARG A 24 30.29 15.25 14.12
C ARG A 24 28.86 15.75 13.87
N LEU A 25 27.97 15.54 14.83
CA LEU A 25 26.60 16.01 14.77
C LEU A 25 26.43 17.27 15.62
N LYS A 26 25.64 18.17 15.12
CA LYS A 26 25.39 19.39 15.77
C LYS A 26 24.10 19.48 16.47
N THR A 27 24.14 20.08 17.64
CA THR A 27 22.93 20.39 18.40
C THR A 27 23.01 21.86 18.81
N PRO A 28 21.88 22.51 19.10
CA PRO A 28 21.94 23.93 19.53
C PRO A 28 22.76 24.15 20.79
N GLY A 29 22.98 23.12 21.60
CA GLY A 29 23.76 23.24 22.82
C GLY A 29 25.18 22.77 22.73
N GLY A 30 25.64 22.34 21.56
CA GLY A 30 26.99 21.85 21.42
C GLY A 30 27.06 20.63 20.53
N PRO A 31 28.28 20.24 20.17
CA PRO A 31 28.44 19.12 19.23
C PRO A 31 28.42 17.76 19.92
N VAL A 32 28.25 16.73 19.10
CA VAL A 32 28.17 15.34 19.54
C VAL A 32 28.89 14.49 18.51
N SER A 33 29.54 13.43 18.98
CA SER A 33 30.23 12.48 18.11
C SER A 33 29.35 11.25 17.92
N ALA A 34 29.08 10.90 16.67
CA ALA A 34 28.21 9.78 16.33
C ALA A 34 28.96 8.78 15.46
N PHE A 35 28.69 7.50 15.69
CA PHE A 35 29.27 6.41 14.92
C PHE A 35 28.12 5.56 14.40
N LEU A 36 27.60 5.92 13.23
CA LEU A 36 26.41 5.32 12.66
C LEU A 36 26.80 4.25 11.65
N GLY A 37 26.26 3.06 11.81
CA GLY A 37 26.45 1.99 10.86
C GLY A 37 27.54 1.00 11.18
N ILE A 38 27.83 0.77 12.46
CA ILE A 38 28.85 -0.18 12.87
C ILE A 38 28.33 -1.60 12.65
N PRO A 39 28.98 -2.43 11.84
CA PRO A 39 28.56 -3.83 11.72
C PRO A 39 28.85 -4.59 13.00
N PHE A 40 27.82 -5.25 13.55
CA PHE A 40 28.00 -6.11 14.71
C PHE A 40 27.72 -7.57 14.42
N ALA A 41 27.36 -7.92 13.19
CA ALA A 41 27.15 -9.31 12.86
C ALA A 41 27.49 -9.54 11.40
N GLU A 42 27.73 -10.80 11.05
CA GLU A 42 27.84 -11.16 9.65
C GLU A 42 26.49 -10.95 8.98
N PRO A 43 26.47 -10.46 7.74
CA PRO A 43 25.20 -10.29 7.03
C PRO A 43 24.43 -11.59 6.93
N PRO A 44 23.22 -11.65 7.51
CA PRO A 44 22.45 -12.91 7.57
C PRO A 44 21.72 -13.21 6.27
N MET A 45 22.48 -13.58 5.25
CA MET A 45 21.92 -13.76 3.92
C MET A 45 22.25 -15.15 3.37
N GLY A 46 21.58 -15.47 2.25
CA GLY A 46 21.69 -16.75 1.62
C GLY A 46 21.40 -17.86 2.62
N PRO A 47 22.40 -18.73 2.82
CA PRO A 47 22.21 -19.85 3.75
C PRO A 47 22.03 -19.43 5.20
N ARG A 48 22.27 -18.16 5.53
CA ARG A 48 22.15 -17.69 6.91
C ARG A 48 20.82 -17.00 7.18
N ARG A 49 19.92 -16.95 6.20
CA ARG A 49 18.58 -16.44 6.45
C ARG A 49 17.86 -17.39 7.41
N PHE A 50 17.21 -16.79 8.42
CA PHE A 50 16.50 -17.46 9.52
C PHE A 50 17.45 -18.06 10.56
N LEU A 51 18.76 -17.83 10.45
CA LEU A 51 19.68 -18.41 11.41
C LEU A 51 20.08 -17.39 12.46
N PRO A 52 20.49 -17.84 13.65
CA PRO A 52 20.99 -16.90 14.65
C PRO A 52 22.17 -16.13 14.10
N PRO A 53 22.40 -14.92 14.60
CA PRO A 53 23.48 -14.09 14.04
C PRO A 53 24.84 -14.61 14.46
N GLU A 54 25.78 -14.51 13.54
CA GLU A 54 27.19 -14.76 13.83
C GLU A 54 27.91 -13.43 14.01
N PRO A 55 28.86 -13.34 14.94
CA PRO A 55 29.54 -12.05 15.16
C PRO A 55 30.30 -11.61 13.92
N LYS A 56 30.28 -10.30 13.68
CA LYS A 56 31.04 -9.73 12.59
C LYS A 56 32.52 -10.03 12.75
N GLN A 57 33.13 -10.62 11.71
CA GLN A 57 34.54 -10.94 11.72
C GLN A 57 35.38 -9.68 11.50
N PRO A 58 36.57 -9.60 12.10
CA PRO A 58 37.33 -8.35 12.06
C PRO A 58 37.68 -7.94 10.64
N TRP A 59 37.81 -6.62 10.43
CA TRP A 59 37.95 -6.03 9.11
C TRP A 59 39.24 -5.23 9.02
N SER A 60 39.80 -5.18 7.81
CA SER A 60 40.96 -4.36 7.53
C SER A 60 40.53 -2.95 7.15
N GLY A 61 41.37 -1.98 7.50
CA GLY A 61 41.09 -0.61 7.12
C GLY A 61 40.14 0.08 8.07
N VAL A 62 39.53 1.13 7.57
CA VAL A 62 38.63 1.98 8.34
C VAL A 62 37.22 1.84 7.77
N VAL A 63 36.29 1.36 8.59
CA VAL A 63 34.89 1.30 8.21
C VAL A 63 34.29 2.69 8.32
N ASP A 64 33.60 3.13 7.27
CA ASP A 64 32.91 4.40 7.32
C ASP A 64 31.69 4.29 8.22
N ALA A 65 31.64 5.09 9.28
CA ALA A 65 30.54 5.06 10.22
C ALA A 65 29.89 6.45 10.31
N THR A 66 29.63 7.07 9.16
CA THR A 66 29.13 8.43 9.12
C THR A 66 27.66 8.52 8.71
N THR A 67 27.03 7.40 8.37
CA THR A 67 25.62 7.42 7.98
C THR A 67 24.98 6.10 8.36
N PHE A 68 23.67 6.15 8.57
CA PHE A 68 22.92 4.95 8.94
C PHE A 68 22.96 3.93 7.81
N GLN A 69 22.97 2.66 8.19
CA GLN A 69 23.02 1.58 7.22
C GLN A 69 21.61 1.19 6.79
N SER A 70 21.49 0.07 6.09
CA SER A 70 20.22 -0.32 5.50
C SER A 70 19.22 -0.71 6.58
N VAL A 71 17.94 -0.57 6.23
CA VAL A 71 16.81 -1.01 7.05
C VAL A 71 16.54 -2.48 6.75
N CYS A 72 16.26 -3.25 7.80
CA CYS A 72 15.92 -4.66 7.61
C CYS A 72 14.62 -4.79 6.84
N TYR A 73 14.56 -5.81 5.97
CA TYR A 73 13.39 -5.98 5.09
C TYR A 73 12.11 -6.03 5.90
N GLN A 74 11.15 -5.20 5.51
CA GLN A 74 9.93 -5.09 6.29
C GLN A 74 8.80 -4.55 5.42
N TYR A 75 7.58 -4.88 5.82
CA TYR A 75 6.40 -4.29 5.22
C TYR A 75 6.43 -2.77 5.37
N VAL A 76 5.90 -2.07 4.38
CA VAL A 76 5.88 -0.61 4.38
C VAL A 76 4.43 -0.16 4.44
N ASP A 77 4.10 0.57 5.51
CA ASP A 77 2.71 0.99 5.73
C ASP A 77 2.24 1.95 4.64
N THR A 78 1.11 1.65 4.04
CA THR A 78 0.58 2.45 2.94
C THR A 78 -0.86 2.89 3.16
N LEU A 79 -1.34 2.85 4.40
CA LEU A 79 -2.74 3.20 4.68
C LEU A 79 -3.03 4.66 4.39
N TYR A 80 -2.06 5.54 4.63
CA TYR A 80 -2.21 6.97 4.40
C TYR A 80 -0.96 7.47 3.69
N PRO A 81 -0.86 7.28 2.38
CA PRO A 81 0.31 7.77 1.65
C PRO A 81 0.52 9.26 1.84
N GLY A 82 1.78 9.66 1.93
CA GLY A 82 2.12 11.05 2.10
C GLY A 82 1.78 11.66 3.45
N PHE A 83 1.36 10.86 4.41
CA PHE A 83 0.94 11.36 5.71
C PHE A 83 2.09 11.27 6.71
N GLU A 84 2.34 12.39 7.41
CA GLU A 84 3.46 12.41 8.36
C GLU A 84 3.26 11.40 9.48
N GLY A 85 2.02 11.25 9.95
CA GLY A 85 1.78 10.43 11.12
C GLY A 85 2.13 8.97 10.92
N THR A 86 2.04 8.49 9.68
CA THR A 86 2.39 7.10 9.40
C THR A 86 3.77 6.95 8.79
N GLU A 87 4.18 7.88 7.94
CA GLU A 87 5.44 7.72 7.23
C GLU A 87 6.66 8.02 8.08
N MET A 88 6.47 8.63 9.25
CA MET A 88 7.59 8.81 10.17
C MET A 88 8.12 7.49 10.73
N TRP A 89 7.35 6.40 10.59
CA TRP A 89 7.76 5.09 11.07
C TRP A 89 8.24 4.19 9.94
N ASN A 90 8.06 4.61 8.69
CA ASN A 90 8.45 3.84 7.52
C ASN A 90 9.96 3.89 7.31
N PRO A 91 10.51 2.92 6.58
CA PRO A 91 11.96 2.91 6.35
C PRO A 91 12.43 4.20 5.68
N ASN A 92 13.52 4.76 6.19
CA ASN A 92 14.13 5.93 5.61
C ASN A 92 15.51 5.63 5.03
N ARG A 93 15.87 4.34 4.96
CA ARG A 93 17.00 3.86 4.19
C ARG A 93 16.52 2.69 3.34
N GLU A 94 17.33 2.30 2.37
CA GLU A 94 16.98 1.20 1.47
C GLU A 94 16.94 -0.14 2.21
N LEU A 95 15.95 -0.95 1.88
CA LEU A 95 15.79 -2.26 2.49
C LEU A 95 16.89 -3.21 2.04
N SER A 96 17.29 -4.11 2.94
CA SER A 96 18.28 -5.14 2.64
C SER A 96 18.30 -6.12 3.79
N GLU A 97 18.65 -7.37 3.48
CA GLU A 97 18.92 -8.33 4.54
C GLU A 97 20.25 -8.06 5.21
N ASP A 98 21.15 -7.31 4.56
CA ASP A 98 22.38 -6.82 5.16
C ASP A 98 22.01 -5.60 5.99
N CYS A 99 21.60 -5.84 7.24
CA CYS A 99 21.09 -4.76 8.07
C CYS A 99 21.54 -4.82 9.53
N LEU A 100 22.29 -5.85 9.93
CA LEU A 100 22.73 -5.98 11.31
C LEU A 100 23.85 -4.98 11.57
N TYR A 101 23.45 -3.73 11.80
CA TYR A 101 24.35 -2.65 12.14
C TYR A 101 23.82 -1.95 13.39
N LEU A 102 24.72 -1.36 14.17
CA LEU A 102 24.34 -0.59 15.34
C LEU A 102 24.98 0.79 15.25
N ASN A 103 24.45 1.71 16.05
CA ASN A 103 24.90 3.09 16.06
C ASN A 103 25.23 3.51 17.49
N VAL A 104 26.21 4.39 17.63
CA VAL A 104 26.68 4.85 18.93
C VAL A 104 26.78 6.37 18.89
N TRP A 105 26.12 7.02 19.83
CA TRP A 105 26.31 8.45 20.06
C TRP A 105 27.13 8.60 21.33
N THR A 106 28.02 9.60 21.34
CA THR A 106 28.87 9.86 22.49
C THR A 106 29.13 11.35 22.56
N PRO A 107 29.25 11.93 23.76
CA PRO A 107 29.37 13.37 23.86
C PRO A 107 30.73 13.85 23.35
N TYR A 108 30.78 15.14 23.04
CA TYR A 108 32.02 15.83 22.74
C TYR A 108 32.27 16.90 23.80
N PRO A 109 33.45 16.92 24.44
CA PRO A 109 34.51 15.93 24.21
C PRO A 109 34.14 14.58 24.80
N ARG A 110 34.76 13.51 24.30
CA ARG A 110 34.49 12.19 24.80
C ARG A 110 34.64 12.16 26.32
N PRO A 111 33.80 11.41 27.02
CA PRO A 111 33.94 11.30 28.49
C PRO A 111 35.28 10.69 28.86
N THR A 112 35.89 11.27 29.89
CA THR A 112 37.16 10.79 30.43
C THR A 112 36.99 9.60 31.36
N SER A 113 35.94 9.62 32.14
CA SER A 113 35.51 8.59 33.07
C SER A 113 34.37 7.78 32.47
N PRO A 114 34.24 6.51 32.86
CA PRO A 114 33.14 5.69 32.33
C PRO A 114 31.78 6.33 32.57
N THR A 115 30.92 6.25 31.55
CA THR A 115 29.63 6.93 31.52
C THR A 115 28.51 5.92 31.32
N PRO A 116 27.37 6.09 32.00
CA PRO A 116 26.25 5.17 31.81
C PRO A 116 25.77 5.15 30.36
N VAL A 117 25.37 3.96 29.91
CA VAL A 117 25.02 3.70 28.52
C VAL A 117 23.53 3.43 28.41
N LEU A 118 22.86 4.15 27.52
CA LEU A 118 21.47 3.89 27.16
C LEU A 118 21.44 3.12 25.84
N VAL A 119 20.72 2.01 25.81
CA VAL A 119 20.58 1.20 24.61
C VAL A 119 19.11 1.19 24.21
N TRP A 120 18.83 1.64 22.99
CA TRP A 120 17.48 1.78 22.48
C TRP A 120 17.12 0.59 21.59
N ILE A 121 15.94 0.02 21.81
CA ILE A 121 15.39 -1.05 20.97
C ILE A 121 14.07 -0.56 20.39
N TYR A 122 14.02 -0.33 19.08
CA TYR A 122 12.84 0.25 18.47
C TYR A 122 11.68 -0.74 18.49
N GLY A 123 10.46 -0.19 18.41
CA GLY A 123 9.26 -0.98 18.29
C GLY A 123 8.86 -1.17 16.84
N GLY A 124 7.60 -1.54 16.64
CA GLY A 124 7.09 -1.79 15.31
C GLY A 124 6.48 -3.18 15.18
N GLY A 125 5.97 -3.71 16.29
CA GLY A 125 5.23 -4.96 16.29
C GLY A 125 6.01 -6.17 15.84
N PHE A 126 7.34 -6.12 15.92
CA PHE A 126 8.24 -7.17 15.45
C PHE A 126 8.16 -7.40 13.94
N TYR A 127 7.47 -6.52 13.21
CA TYR A 127 7.37 -6.62 11.76
C TYR A 127 7.95 -5.41 11.02
N SER A 128 8.36 -4.37 11.74
CA SER A 128 8.88 -3.16 11.10
C SER A 128 9.73 -2.43 12.12
N GLY A 129 10.29 -1.29 11.70
CA GLY A 129 11.10 -0.47 12.56
C GLY A 129 12.53 -0.36 12.09
N ALA A 130 13.24 0.67 12.55
CA ALA A 130 14.60 0.93 12.12
C ALA A 130 15.25 1.90 13.10
N SER A 131 16.55 1.70 13.35
CA SER A 131 17.27 2.61 14.24
C SER A 131 17.55 3.95 13.61
N SER A 132 17.34 4.10 12.30
CA SER A 132 17.65 5.31 11.56
C SER A 132 16.51 6.31 11.52
N LEU A 133 15.36 5.99 12.12
CA LEU A 133 14.22 6.89 12.05
C LEU A 133 14.55 8.22 12.71
N ASP A 134 14.01 9.31 12.14
CA ASP A 134 14.34 10.64 12.61
C ASP A 134 14.01 10.82 14.09
N VAL A 135 12.94 10.19 14.58
CA VAL A 135 12.53 10.38 15.97
C VAL A 135 13.40 9.63 16.96
N TYR A 136 14.32 8.78 16.50
CA TYR A 136 15.25 8.09 17.38
C TYR A 136 16.63 8.75 17.38
N ASP A 137 16.73 9.96 16.86
CA ASP A 137 17.98 10.71 16.79
C ASP A 137 18.53 10.93 18.19
N GLY A 138 19.70 10.32 18.47
CA GLY A 138 20.27 10.39 19.79
C GLY A 138 21.11 11.62 20.12
N ARG A 139 21.24 12.57 19.20
CA ARG A 139 22.18 13.67 19.42
C ARG A 139 21.73 14.57 20.56
N PHE A 140 20.42 14.69 20.79
CA PHE A 140 19.95 15.64 21.79
C PHE A 140 20.02 15.06 23.20
N LEU A 141 19.71 13.77 23.35
CA LEU A 141 19.76 13.15 24.66
C LEU A 141 21.20 13.02 25.14
N VAL A 142 22.15 12.84 24.23
CA VAL A 142 23.55 12.68 24.59
C VAL A 142 24.17 14.04 24.91
N GLN A 143 23.83 15.07 24.16
CA GLN A 143 24.37 16.40 24.45
C GLN A 143 23.86 16.93 25.78
N ALA A 144 22.56 16.80 26.04
CA ALA A 144 21.96 17.42 27.21
C ALA A 144 22.26 16.65 28.49
N GLU A 145 22.49 15.35 28.40
CA GLU A 145 22.68 14.54 29.59
C GLU A 145 24.02 13.82 29.64
N ARG A 146 24.88 14.01 28.63
CA ARG A 146 26.25 13.50 28.62
C ARG A 146 26.29 12.00 28.94
N THR A 147 25.29 11.28 28.46
CA THR A 147 25.29 9.82 28.48
C THR A 147 25.73 9.29 27.12
N VAL A 148 25.90 7.97 27.05
CA VAL A 148 26.27 7.29 25.81
C VAL A 148 25.07 6.49 25.33
N LEU A 149 24.64 6.75 24.09
CA LEU A 149 23.45 6.12 23.53
C LEU A 149 23.85 5.14 22.42
N VAL A 150 23.31 3.94 22.49
CA VAL A 150 23.51 2.90 21.49
C VAL A 150 22.14 2.42 21.00
N SER A 151 22.01 2.22 19.70
CA SER A 151 20.79 1.66 19.12
C SER A 151 21.19 0.70 18.01
N MET A 152 20.51 -0.44 17.93
CA MET A 152 20.82 -1.45 16.95
C MET A 152 19.62 -1.71 16.05
N ASN A 153 19.91 -2.30 14.90
CA ASN A 153 18.89 -2.91 14.05
C ASN A 153 18.78 -4.38 14.41
N TYR A 154 17.58 -4.92 14.29
CA TYR A 154 17.38 -6.35 14.46
C TYR A 154 16.38 -6.80 13.41
N ARG A 155 16.55 -8.04 12.95
CA ARG A 155 15.68 -8.58 11.91
C ARG A 155 14.24 -8.63 12.42
N VAL A 156 13.32 -8.11 11.61
CA VAL A 156 11.91 -8.13 11.94
C VAL A 156 11.19 -9.07 10.99
N GLY A 157 9.88 -9.23 11.18
CA GLY A 157 9.05 -10.05 10.32
C GLY A 157 9.52 -11.49 10.25
N ALA A 158 9.30 -12.09 9.08
CA ALA A 158 9.70 -13.49 8.90
C ALA A 158 11.19 -13.67 9.08
N PHE A 159 11.99 -12.70 8.64
CA PHE A 159 13.44 -12.81 8.72
C PHE A 159 13.95 -12.83 10.15
N GLY A 160 13.19 -12.28 11.09
CA GLY A 160 13.62 -12.29 12.48
C GLY A 160 12.89 -13.30 13.33
N PHE A 161 11.66 -13.69 12.93
CA PHE A 161 10.84 -14.46 13.84
C PHE A 161 10.06 -15.60 13.21
N LEU A 162 10.32 -15.94 11.95
CA LEU A 162 9.77 -17.19 11.42
C LEU A 162 10.40 -18.35 12.17
N ALA A 163 9.58 -19.28 12.63
CA ALA A 163 10.07 -20.36 13.47
C ALA A 163 9.40 -21.66 13.09
N LEU A 164 10.22 -22.68 12.85
CA LEU A 164 9.76 -24.07 12.82
C LEU A 164 10.38 -24.73 14.06
N PRO A 165 9.71 -24.68 15.21
CA PRO A 165 10.38 -25.04 16.47
C PRO A 165 10.92 -26.47 16.44
N GLY A 166 12.10 -26.64 17.03
CA GLY A 166 12.75 -27.93 17.08
C GLY A 166 13.83 -28.09 16.03
N SER A 167 13.54 -27.62 14.82
CA SER A 167 14.51 -27.67 13.75
C SER A 167 15.61 -26.64 13.98
N ARG A 168 16.78 -26.92 13.40
CA ARG A 168 17.89 -25.99 13.52
C ARG A 168 18.02 -25.07 12.30
N GLU A 169 17.23 -25.31 11.25
CA GLU A 169 17.26 -24.43 10.08
C GLU A 169 16.46 -23.15 10.31
N ALA A 170 15.47 -23.19 11.18
CA ALA A 170 14.66 -22.00 11.50
C ALA A 170 14.21 -22.08 12.94
N PRO A 171 15.13 -21.81 13.88
CA PRO A 171 14.79 -22.01 15.30
C PRO A 171 13.85 -20.94 15.84
N GLY A 172 13.85 -19.75 15.27
CA GLY A 172 13.01 -18.67 15.75
C GLY A 172 13.74 -17.79 16.75
N ASN A 173 13.13 -16.63 17.00
CA ASN A 173 13.64 -15.61 17.93
C ASN A 173 15.01 -15.07 17.52
N VAL A 174 15.41 -15.28 16.25
CA VAL A 174 16.72 -14.80 15.84
C VAL A 174 16.77 -13.28 15.89
N GLY A 175 15.61 -12.62 15.76
CA GLY A 175 15.58 -11.17 15.92
C GLY A 175 15.90 -10.75 17.33
N LEU A 176 15.54 -11.57 18.32
CA LEU A 176 15.92 -11.31 19.69
C LEU A 176 17.41 -11.57 19.90
N LEU A 177 17.93 -12.63 19.26
CA LEU A 177 19.36 -12.90 19.34
C LEU A 177 20.19 -11.80 18.68
N ASP A 178 19.68 -11.18 17.61
CA ASP A 178 20.34 -10.01 17.04
C ASP A 178 20.51 -8.92 18.09
N GLN A 179 19.46 -8.64 18.85
CA GLN A 179 19.55 -7.64 19.93
C GLN A 179 20.54 -8.10 20.99
N ARG A 180 20.53 -9.40 21.32
N ARG A 180 20.53 -9.39 21.33
CA ARG A 180 21.45 -9.91 22.34
CA ARG A 180 21.45 -9.90 22.34
C ARG A 180 22.89 -9.77 21.90
C ARG A 180 22.89 -9.74 21.88
N LEU A 181 23.18 -10.10 20.64
CA LEU A 181 24.53 -9.93 20.12
C LEU A 181 24.96 -8.47 20.17
N ALA A 182 24.05 -7.56 19.81
CA ALA A 182 24.34 -6.13 19.95
C ALA A 182 24.58 -5.74 21.40
N LEU A 183 23.99 -6.48 22.34
CA LEU A 183 24.27 -6.22 23.75
C LEU A 183 25.64 -6.76 24.15
N GLN A 184 25.99 -7.96 23.69
CA GLN A 184 27.35 -8.46 23.88
C GLN A 184 28.37 -7.53 23.25
N TRP A 185 28.02 -6.94 22.10
CA TRP A 185 28.93 -5.98 21.47
C TRP A 185 29.16 -4.76 22.35
N VAL A 186 28.11 -4.30 23.03
CA VAL A 186 28.24 -3.14 23.90
C VAL A 186 29.17 -3.44 25.07
N GLN A 187 29.09 -4.67 25.60
CA GLN A 187 29.98 -5.06 26.68
C GLN A 187 31.44 -5.00 26.24
N GLU A 188 31.73 -5.50 25.04
CA GLU A 188 33.10 -5.62 24.57
C GLU A 188 33.66 -4.34 23.96
N ASN A 189 32.83 -3.36 23.63
CA ASN A 189 33.33 -2.21 22.87
C ASN A 189 32.86 -0.85 23.34
N VAL A 190 31.85 -0.74 24.19
CA VAL A 190 31.34 0.58 24.52
C VAL A 190 32.35 1.37 25.33
N ALA A 191 33.28 0.69 26.00
CA ALA A 191 34.32 1.40 26.75
C ALA A 191 35.14 2.28 25.81
N ALA A 192 35.37 1.81 24.58
CA ALA A 192 36.16 2.56 23.62
C ALA A 192 35.52 3.90 23.25
N PHE A 193 34.22 4.06 23.48
CA PHE A 193 33.53 5.32 23.23
C PHE A 193 33.34 6.15 24.49
N GLY A 194 33.87 5.69 25.63
CA GLY A 194 33.69 6.38 26.89
C GLY A 194 32.57 5.86 27.75
N GLY A 195 31.99 4.71 27.43
CA GLY A 195 30.80 4.21 28.09
C GLY A 195 31.12 3.12 29.09
N ASP A 196 30.32 3.07 30.16
CA ASP A 196 30.53 2.13 31.25
C ASP A 196 29.78 0.83 30.95
N PRO A 197 30.47 -0.26 30.62
CA PRO A 197 29.76 -1.54 30.41
C PRO A 197 29.16 -2.14 31.68
N THR A 198 29.34 -1.51 32.85
CA THR A 198 28.70 -1.97 34.08
C THR A 198 27.42 -1.19 34.40
N SER A 199 27.11 -0.14 33.64
CA SER A 199 25.92 0.68 33.86
C SER A 199 25.18 0.81 32.52
N VAL A 200 24.56 -0.29 32.10
CA VAL A 200 23.83 -0.35 30.83
C VAL A 200 22.33 -0.38 31.13
N THR A 201 21.61 0.60 30.59
CA THR A 201 20.17 0.74 30.75
C THR A 201 19.47 0.51 29.41
N LEU A 202 18.79 -0.63 29.28
CA LEU A 202 17.95 -0.88 28.12
C LEU A 202 16.67 -0.05 28.18
N PHE A 203 16.29 0.53 27.04
CA PHE A 203 14.97 1.14 26.96
C PHE A 203 14.40 0.97 25.56
N GLY A 204 13.10 0.65 25.52
CA GLY A 204 12.43 0.36 24.28
C GLY A 204 10.97 0.77 24.35
N GLU A 205 10.31 0.68 23.20
CA GLU A 205 8.93 1.12 23.09
C GLU A 205 8.14 0.08 22.33
N SER A 206 6.89 -0.14 22.75
CA SER A 206 6.00 -1.10 22.12
C SER A 206 6.69 -2.45 22.03
N ALA A 207 6.87 -2.97 20.81
CA ALA A 207 7.59 -4.23 20.66
C ALA A 207 9.03 -4.13 21.15
N GLY A 208 9.63 -2.94 21.08
CA GLY A 208 10.94 -2.76 21.69
C GLY A 208 10.89 -2.90 23.20
N ALA A 209 9.84 -2.34 23.83
CA ALA A 209 9.66 -2.53 25.27
C ALA A 209 9.42 -3.99 25.61
N ALA A 210 8.59 -4.67 24.82
CA ALA A 210 8.40 -6.11 25.03
C ALA A 210 9.72 -6.85 24.92
N SER A 211 10.54 -6.49 23.92
CA SER A 211 11.86 -7.10 23.78
C SER A 211 12.68 -6.92 25.04
N VAL A 212 12.75 -5.68 25.55
CA VAL A 212 13.41 -5.41 26.82
C VAL A 212 12.92 -6.36 27.91
N GLY A 213 11.61 -6.59 27.97
CA GLY A 213 11.07 -7.54 28.93
C GLY A 213 11.49 -8.96 28.67
N MET A 214 11.59 -9.35 27.39
CA MET A 214 12.05 -10.70 27.08
C MET A 214 13.50 -10.90 27.51
N HIS A 215 14.30 -9.84 27.51
CA HIS A 215 15.70 -9.97 27.92
C HIS A 215 15.83 -10.08 29.44
N LEU A 216 14.94 -9.41 30.19
CA LEU A 216 14.89 -9.61 31.63
C LEU A 216 14.62 -11.06 32.00
N LEU A 217 13.85 -11.77 31.18
CA LEU A 217 13.43 -13.14 31.47
C LEU A 217 14.30 -14.18 30.77
N SER A 218 15.34 -13.77 30.04
CA SER A 218 16.28 -14.70 29.46
C SER A 218 17.61 -14.58 30.20
N PRO A 219 18.07 -15.63 30.86
CA PRO A 219 19.29 -15.54 31.67
C PRO A 219 20.50 -15.08 30.88
N PRO A 220 20.76 -15.61 29.66
CA PRO A 220 21.92 -15.11 28.92
C PRO A 220 21.89 -13.63 28.62
N SER A 221 20.72 -13.06 28.36
CA SER A 221 20.63 -11.61 28.14
C SER A 221 20.69 -10.84 29.46
N ARG A 222 20.29 -11.47 30.57
CA ARG A 222 20.19 -10.75 31.83
C ARG A 222 21.55 -10.21 32.28
N GLY A 223 22.63 -10.91 31.94
CA GLY A 223 23.96 -10.46 32.33
C GLY A 223 24.50 -9.28 31.56
N LEU A 224 23.83 -8.85 30.49
CA LEU A 224 24.35 -7.83 29.60
C LEU A 224 23.84 -6.43 29.90
N PHE A 225 23.00 -6.27 30.92
CA PHE A 225 22.45 -4.96 31.27
C PHE A 225 22.04 -4.97 32.74
N HIS A 226 21.64 -3.80 33.22
CA HIS A 226 21.44 -3.61 34.66
C HIS A 226 20.13 -2.92 35.00
N ARG A 227 19.59 -2.14 34.07
CA ARG A 227 18.31 -1.48 34.28
C ARG A 227 17.48 -1.63 33.01
N ALA A 228 16.18 -1.41 33.15
CA ALA A 228 15.24 -1.61 32.05
C ALA A 228 14.20 -0.50 32.07
N VAL A 229 13.81 -0.06 30.88
CA VAL A 229 12.72 0.89 30.70
C VAL A 229 11.79 0.31 29.64
N LEU A 230 10.50 0.23 29.97
CA LEU A 230 9.49 -0.37 29.10
C LEU A 230 8.41 0.69 28.84
N GLN A 231 8.38 1.21 27.61
CA GLN A 231 7.46 2.27 27.24
C GLN A 231 6.36 1.68 26.36
N SER A 232 5.13 1.64 26.87
CA SER A 232 3.96 1.22 26.12
C SER A 232 4.11 -0.18 25.55
N GLY A 233 4.65 -1.10 26.35
CA GLY A 233 4.79 -2.47 25.89
C GLY A 233 5.29 -3.37 27.01
N ALA A 234 5.10 -4.67 26.80
CA ALA A 234 5.47 -5.64 27.83
C ALA A 234 5.54 -7.00 27.18
N PRO A 235 6.41 -7.89 27.66
CA PRO A 235 6.54 -9.21 27.03
C PRO A 235 5.32 -10.09 27.22
N ASN A 236 4.50 -9.82 28.23
CA ASN A 236 3.31 -10.62 28.53
C ASN A 236 2.07 -10.15 27.78
N GLY A 237 2.20 -9.19 26.85
CA GLY A 237 1.10 -8.77 26.03
C GLY A 237 0.55 -9.89 25.16
N PRO A 238 -0.75 -9.86 24.87
CA PRO A 238 -1.36 -10.93 24.06
C PRO A 238 -0.88 -10.96 22.62
N TRP A 239 -0.13 -9.96 22.17
CA TRP A 239 0.38 -9.88 20.81
C TRP A 239 1.87 -10.20 20.70
N ALA A 240 2.58 -10.25 21.84
CA ALA A 240 4.04 -10.26 21.84
C ALA A 240 4.64 -11.66 21.70
N THR A 241 3.87 -12.72 21.93
CA THR A 241 4.41 -14.07 21.84
C THR A 241 3.45 -14.96 21.05
N VAL A 242 3.89 -16.18 20.80
CA VAL A 242 3.09 -17.15 20.07
C VAL A 242 3.52 -18.54 20.52
N GLY A 243 2.61 -19.51 20.40
CA GLY A 243 2.93 -20.87 20.72
C GLY A 243 3.68 -21.57 19.60
N MET A 244 4.33 -22.68 19.96
CA MET A 244 5.08 -23.45 18.98
C MET A 244 4.18 -23.95 17.85
N GLY A 245 2.98 -24.44 18.20
CA GLY A 245 2.08 -24.96 17.19
C GLY A 245 1.62 -23.90 16.20
N GLU A 246 1.31 -22.71 16.71
CA GLU A 246 0.85 -21.64 15.83
C GLU A 246 1.98 -21.08 14.98
N ALA A 247 3.19 -21.00 15.53
CA ALA A 247 4.33 -20.53 14.75
C ALA A 247 4.65 -21.48 13.61
N ARG A 248 4.54 -22.79 13.84
CA ARG A 248 4.73 -23.74 12.76
C ARG A 248 3.64 -23.59 11.69
N ARG A 249 2.40 -23.36 12.12
CA ARG A 249 1.31 -23.19 11.16
C ARG A 249 1.50 -21.94 10.31
N ARG A 250 1.91 -20.84 10.95
CA ARG A 250 2.15 -19.61 10.20
C ARG A 250 3.34 -19.76 9.26
N ALA A 251 4.45 -20.29 9.76
CA ALA A 251 5.61 -20.48 8.88
C ALA A 251 5.25 -21.35 7.68
N THR A 252 4.51 -22.42 7.90
CA THR A 252 4.13 -23.31 6.80
C THR A 252 3.20 -22.62 5.82
N GLN A 253 2.27 -21.80 6.33
CA GLN A 253 1.35 -21.11 5.44
C GLN A 253 2.08 -20.09 4.58
N LEU A 254 3.07 -19.39 5.15
CA LEU A 254 3.87 -18.46 4.34
C LEU A 254 4.62 -19.21 3.24
N ALA A 255 5.17 -20.37 3.58
CA ALA A 255 5.82 -21.20 2.56
C ALA A 255 4.85 -21.56 1.45
N HIS A 256 3.62 -21.92 1.80
CA HIS A 256 2.62 -22.26 0.79
C HIS A 256 2.36 -21.07 -0.12
N LEU A 257 2.24 -19.87 0.46
CA LEU A 257 1.88 -18.70 -0.33
C LEU A 257 2.96 -18.33 -1.34
N VAL A 258 4.23 -18.61 -1.03
CA VAL A 258 5.32 -18.31 -1.95
C VAL A 258 5.74 -19.54 -2.75
N GLY A 259 4.92 -20.59 -2.74
CA GLY A 259 5.18 -21.75 -3.57
C GLY A 259 6.09 -22.80 -2.97
N CYS A 260 6.06 -23.00 -1.66
CA CYS A 260 6.91 -23.98 -1.00
C CYS A 260 6.05 -24.97 -0.23
N PRO A 261 6.27 -26.29 -0.40
CA PRO A 261 7.27 -26.88 -1.28
C PRO A 261 6.79 -26.96 -2.74
N PRO A 262 7.73 -27.03 -3.69
CA PRO A 262 7.34 -26.97 -5.10
C PRO A 262 6.62 -28.23 -5.55
N GLY A 263 5.54 -28.03 -6.30
CA GLY A 263 4.81 -29.15 -6.90
C GLY A 263 4.41 -30.17 -5.86
N GLY A 264 4.72 -31.44 -6.15
CA GLY A 264 4.59 -32.50 -5.17
C GLY A 264 5.93 -32.94 -4.66
N THR A 265 6.29 -32.54 -3.44
CA THR A 265 7.60 -32.84 -2.89
C THR A 265 7.49 -32.80 -1.37
N GLY A 266 8.46 -33.44 -0.71
CA GLY A 266 8.43 -33.54 0.74
C GLY A 266 8.38 -32.19 1.42
N GLY A 267 7.81 -32.17 2.62
CA GLY A 267 7.64 -30.93 3.35
C GLY A 267 8.18 -30.96 4.76
N ASN A 268 9.24 -31.72 4.99
CA ASN A 268 9.90 -31.65 6.29
C ASN A 268 10.52 -30.27 6.48
N ASP A 269 10.89 -29.97 7.73
CA ASP A 269 11.37 -28.63 8.05
C ASP A 269 12.58 -28.24 7.21
N THR A 270 13.43 -29.21 6.87
CA THR A 270 14.65 -28.88 6.13
C THR A 270 14.34 -28.44 4.71
N GLU A 271 13.53 -29.22 3.98
CA GLU A 271 13.20 -28.85 2.60
C GLU A 271 12.38 -27.56 2.55
N LEU A 272 11.56 -27.30 3.57
CA LEU A 272 10.74 -26.09 3.57
C LEU A 272 11.59 -24.84 3.74
N VAL A 273 12.55 -24.87 4.67
CA VAL A 273 13.40 -23.70 4.88
C VAL A 273 14.32 -23.48 3.68
N ALA A 274 14.88 -24.56 3.13
CA ALA A 274 15.69 -24.44 1.93
C ALA A 274 14.90 -23.79 0.79
N CYS A 275 13.64 -24.19 0.62
CA CYS A 275 12.79 -23.55 -0.38
C CYS A 275 12.57 -22.07 -0.05
N LEU A 276 12.32 -21.76 1.24
CA LEU A 276 12.12 -20.36 1.62
C LEU A 276 13.36 -19.52 1.39
N ARG A 277 14.55 -20.11 1.53
CA ARG A 277 15.79 -19.36 1.36
C ARG A 277 16.05 -18.97 -0.10
N THR A 278 15.46 -19.68 -1.06
CA THR A 278 15.64 -19.33 -2.46
C THR A 278 14.76 -18.18 -2.91
N ARG A 279 13.74 -17.83 -2.13
CA ARG A 279 12.81 -16.77 -2.52
C ARG A 279 13.43 -15.40 -2.27
N PRO A 280 13.18 -14.43 -3.15
CA PRO A 280 13.61 -13.05 -2.88
C PRO A 280 12.95 -12.53 -1.63
N ALA A 281 13.67 -11.67 -0.91
CA ALA A 281 13.18 -11.19 0.38
C ALA A 281 11.84 -10.48 0.23
N GLN A 282 11.69 -9.65 -0.81
CA GLN A 282 10.45 -8.90 -0.99
C GLN A 282 9.25 -9.82 -1.18
N VAL A 283 9.47 -11.01 -1.75
CA VAL A 283 8.37 -11.95 -1.97
C VAL A 283 7.82 -12.45 -0.65
N LEU A 284 8.70 -12.74 0.31
CA LEU A 284 8.24 -13.16 1.63
C LEU A 284 7.49 -12.03 2.34
N VAL A 285 7.96 -10.80 2.16
CA VAL A 285 7.30 -9.66 2.80
C VAL A 285 5.91 -9.44 2.23
N ASN A 286 5.74 -9.67 0.92
CA ASN A 286 4.47 -9.39 0.27
C ASN A 286 3.35 -10.32 0.69
N HIS A 287 3.65 -11.41 1.39
CA HIS A 287 2.63 -12.33 1.86
C HIS A 287 2.61 -12.44 3.37
N GLU A 288 3.25 -11.49 4.06
CA GLU A 288 3.39 -11.59 5.51
C GLU A 288 2.05 -11.51 6.22
N TRP A 289 1.18 -10.60 5.78
CA TRP A 289 -0.10 -10.42 6.47
C TRP A 289 -1.14 -11.46 6.08
N HIS A 290 -1.00 -12.10 4.92
CA HIS A 290 -1.95 -13.13 4.53
C HIS A 290 -1.82 -14.41 5.34
N VAL A 291 -0.86 -14.51 6.26
CA VAL A 291 -0.62 -15.76 6.96
C VAL A 291 -1.49 -15.92 8.21
N LEU A 292 -2.02 -14.82 8.78
CA LEU A 292 -2.97 -14.76 9.89
C LEU A 292 -4.38 -14.98 9.35
N PRO A 293 -5.35 -15.27 10.23
CA PRO A 293 -6.76 -15.25 9.80
C PRO A 293 -7.19 -13.93 9.17
N GLN A 294 -6.43 -12.85 9.41
CA GLN A 294 -6.64 -11.53 8.76
C GLN A 294 -7.98 -10.90 9.11
N GLU A 295 -8.38 -11.04 10.37
CA GLU A 295 -9.57 -10.37 10.88
C GLU A 295 -9.23 -9.65 12.17
N SER A 296 -8.10 -8.95 12.17
CA SER A 296 -7.52 -8.50 13.42
C SER A 296 -6.89 -7.12 13.28
N VAL A 297 -7.04 -6.35 14.33
CA VAL A 297 -6.12 -5.26 14.66
C VAL A 297 -5.23 -5.80 15.76
N PHE A 298 -3.97 -5.33 15.79
CA PHE A 298 -3.03 -5.58 16.87
C PHE A 298 -2.40 -6.97 16.86
N ARG A 299 -2.64 -7.81 15.85
CA ARG A 299 -2.03 -9.13 15.79
C ARG A 299 -1.02 -9.19 14.66
N PHE A 300 0.16 -9.70 14.96
CA PHE A 300 1.30 -9.69 14.05
C PHE A 300 1.72 -11.12 13.73
N SER A 301 2.23 -11.30 12.51
CA SER A 301 2.39 -12.65 11.97
C SER A 301 3.53 -13.40 12.65
N PHE A 302 4.71 -12.79 12.71
CA PHE A 302 5.89 -13.46 13.22
C PHE A 302 6.41 -12.68 14.41
N VAL A 303 6.22 -13.24 15.60
CA VAL A 303 6.60 -12.60 16.86
C VAL A 303 7.46 -13.61 17.62
N PRO A 304 8.05 -13.22 18.75
CA PRO A 304 8.79 -14.20 19.55
C PRO A 304 7.96 -15.43 19.87
N VAL A 305 8.58 -16.60 19.72
CA VAL A 305 7.93 -17.89 20.00
C VAL A 305 8.40 -18.39 21.35
N VAL A 306 7.51 -19.09 22.05
CA VAL A 306 7.83 -19.71 23.34
C VAL A 306 8.32 -21.11 23.03
N ASP A 307 9.64 -21.25 22.86
CA ASP A 307 10.24 -22.48 22.38
C ASP A 307 10.85 -23.34 23.48
N GLY A 308 11.03 -22.79 24.67
CA GLY A 308 11.83 -23.44 25.69
C GLY A 308 13.31 -23.11 25.63
N ASP A 309 13.73 -22.37 24.60
CA ASP A 309 15.12 -21.99 24.41
C ASP A 309 15.36 -20.57 24.93
N PHE A 310 15.07 -19.56 24.11
CA PHE A 310 15.23 -18.18 24.54
C PHE A 310 14.29 -17.89 25.70
N LEU A 311 13.09 -18.46 25.67
CA LEU A 311 12.12 -18.35 26.76
C LEU A 311 11.80 -19.76 27.24
N SER A 312 12.29 -20.09 28.45
CA SER A 312 12.04 -21.43 28.99
C SER A 312 10.56 -21.68 29.24
N ASP A 313 9.80 -20.62 29.48
CA ASP A 313 8.36 -20.72 29.64
C ASP A 313 7.71 -19.47 29.06
N THR A 314 6.40 -19.37 29.19
CA THR A 314 5.71 -18.16 28.75
C THR A 314 6.21 -16.97 29.56
N PRO A 315 6.16 -15.77 28.99
CA PRO A 315 6.53 -14.58 29.78
C PRO A 315 5.73 -14.43 31.05
N GLU A 316 4.44 -14.76 31.03
CA GLU A 316 3.62 -14.66 32.24
C GLU A 316 4.15 -15.57 33.34
N ALA A 317 4.45 -16.83 32.99
CA ALA A 317 5.02 -17.76 33.96
C ALA A 317 6.34 -17.23 34.53
N LEU A 318 7.25 -16.81 33.65
CA LEU A 318 8.56 -16.37 34.11
C LEU A 318 8.47 -15.11 34.97
N ILE A 319 7.51 -14.23 34.67
CA ILE A 319 7.33 -13.04 35.50
C ILE A 319 6.84 -13.43 36.89
N ASN A 320 5.95 -14.42 36.98
CA ASN A 320 5.41 -14.82 38.26
C ASN A 320 6.45 -15.55 39.11
N ALA A 321 7.15 -16.52 38.51
CA ALA A 321 8.14 -17.32 39.19
C ALA A 321 9.52 -16.64 39.28
N GLY A 322 9.61 -15.33 39.08
CA GLY A 322 10.88 -14.65 38.89
C GLY A 322 11.28 -13.84 40.11
N ASP A 323 12.58 -13.83 40.38
CA ASP A 323 13.18 -13.02 41.43
C ASP A 323 13.83 -11.80 40.78
N PHE A 324 13.42 -10.61 41.20
CA PHE A 324 13.86 -9.37 40.57
C PHE A 324 14.55 -8.42 41.55
N HIS A 325 15.11 -8.97 42.62
CA HIS A 325 15.89 -8.15 43.54
C HIS A 325 17.13 -7.61 42.84
N GLY A 326 17.49 -6.37 43.16
CA GLY A 326 18.63 -5.74 42.51
C GLY A 326 18.34 -5.18 41.14
N LEU A 327 17.06 -5.03 40.80
CA LEU A 327 16.70 -4.52 39.48
C LEU A 327 15.75 -3.32 39.54
N GLN A 328 16.08 -2.29 38.78
CA GLN A 328 15.26 -1.09 38.70
C GLN A 328 14.62 -0.99 37.33
N VAL A 329 13.30 -0.80 37.31
CA VAL A 329 12.52 -0.71 36.08
C VAL A 329 11.78 0.61 36.05
N LEU A 330 11.70 1.21 34.87
CA LEU A 330 10.84 2.36 34.63
C LEU A 330 9.81 1.95 33.59
N VAL A 331 8.53 1.98 33.96
CA VAL A 331 7.45 1.51 33.11
C VAL A 331 6.49 2.66 32.89
N GLY A 332 5.70 2.57 31.83
CA GLY A 332 4.75 3.63 31.55
C GLY A 332 4.00 3.40 30.25
N VAL A 333 2.99 4.25 30.04
CA VAL A 333 2.11 4.21 28.88
C VAL A 333 1.71 5.63 28.53
N VAL A 334 1.10 5.81 27.35
CA VAL A 334 0.54 7.09 26.95
C VAL A 334 -0.92 7.12 27.37
N LYS A 335 -1.54 8.30 27.32
CA LYS A 335 -2.92 8.45 27.79
C LYS A 335 -3.88 7.64 26.93
N ASP A 336 -3.71 7.64 25.62
CA ASP A 336 -4.64 7.01 24.68
C ASP A 336 -3.91 5.93 23.89
N GLU A 337 -3.70 4.79 24.54
CA GLU A 337 -2.87 3.74 23.96
C GLU A 337 -3.51 3.10 22.73
N GLY A 338 -4.83 3.06 22.67
CA GLY A 338 -5.48 2.29 21.62
C GLY A 338 -5.96 3.06 20.41
N SER A 339 -5.96 4.40 20.47
CA SER A 339 -6.62 5.19 19.44
C SER A 339 -5.95 5.03 18.08
N TYR A 340 -4.61 4.96 18.06
CA TYR A 340 -3.86 4.89 16.80
C TYR A 340 -4.21 3.62 16.04
N PHE A 341 -4.43 2.52 16.74
CA PHE A 341 -4.67 1.23 16.10
C PHE A 341 -6.08 1.07 15.55
N LEU A 342 -7.03 1.90 15.97
CA LEU A 342 -8.40 1.72 15.52
C LEU A 342 -8.58 2.04 14.03
N VAL A 343 -7.80 2.99 13.50
CA VAL A 343 -7.93 3.35 12.08
C VAL A 343 -7.34 2.27 11.19
N TYR A 344 -6.88 1.16 11.77
CA TYR A 344 -6.28 0.07 11.03
C TYR A 344 -7.18 -1.15 10.94
N GLY A 345 -8.50 -0.95 10.92
CA GLY A 345 -9.40 -2.07 10.74
C GLY A 345 -10.68 -2.04 11.55
N ALA A 346 -10.79 -1.10 12.48
CA ALA A 346 -12.02 -1.00 13.26
C ALA A 346 -13.11 -0.33 12.43
N PRO A 347 -14.30 -0.93 12.31
CA PRO A 347 -15.33 -0.35 11.44
C PRO A 347 -15.78 1.02 11.94
N GLY A 348 -16.03 1.92 10.98
CA GLY A 348 -16.46 3.28 11.26
C GLY A 348 -15.36 4.25 11.61
N PHE A 349 -14.11 3.82 11.68
CA PHE A 349 -13.02 4.70 12.09
C PHE A 349 -12.28 5.23 10.87
N SER A 350 -11.86 6.49 10.97
CA SER A 350 -11.09 7.16 9.92
C SER A 350 -10.39 8.35 10.55
N LYS A 351 -9.13 8.57 10.19
CA LYS A 351 -8.42 9.69 10.77
C LYS A 351 -8.92 11.03 10.24
N ASP A 352 -9.71 11.02 9.18
CA ASP A 352 -10.13 12.24 8.52
C ASP A 352 -11.56 12.64 8.86
N ASN A 353 -12.26 11.88 9.70
CA ASN A 353 -13.50 12.35 10.29
C ASN A 353 -13.44 12.17 11.79
N GLU A 354 -14.57 12.35 12.48
CA GLU A 354 -14.59 12.32 13.94
C GLU A 354 -14.70 10.92 14.50
N SER A 355 -14.83 9.89 13.66
CA SER A 355 -14.91 8.50 14.09
C SER A 355 -15.99 8.30 15.16
N LEU A 356 -17.12 8.99 14.99
CA LEU A 356 -18.26 8.86 15.89
C LEU A 356 -19.02 7.60 15.50
N ILE A 357 -18.64 6.48 16.11
CA ILE A 357 -19.15 5.18 15.70
C ILE A 357 -20.50 4.91 16.37
N SER A 358 -21.22 3.96 15.80
CA SER A 358 -22.53 3.55 16.30
C SER A 358 -22.37 2.43 17.32
N ARG A 359 -23.50 2.04 17.92
CA ARG A 359 -23.48 0.94 18.87
C ARG A 359 -23.07 -0.36 18.20
N ALA A 360 -23.55 -0.58 16.97
CA ALA A 360 -23.20 -1.81 16.26
C ALA A 360 -21.73 -1.83 15.88
N GLU A 361 -21.20 -0.69 15.45
CA GLU A 361 -19.78 -0.62 15.12
C GLU A 361 -18.91 -0.87 16.35
N PHE A 362 -19.33 -0.35 17.51
CA PHE A 362 -18.62 -0.64 18.74
C PHE A 362 -18.62 -2.13 19.04
N LEU A 363 -19.77 -2.80 18.85
CA LEU A 363 -19.83 -4.23 19.10
C LEU A 363 -18.94 -5.00 18.15
N ALA A 364 -18.82 -4.54 16.90
CA ALA A 364 -17.94 -5.21 15.94
C ALA A 364 -16.48 -4.88 16.21
N GLY A 365 -16.19 -3.64 16.64
CA GLY A 365 -14.82 -3.26 16.93
C GLY A 365 -14.23 -4.09 18.06
N VAL A 366 -15.04 -4.42 19.06
CA VAL A 366 -14.55 -5.24 20.17
C VAL A 366 -14.06 -6.59 19.66
N ARG A 367 -14.78 -7.17 18.69
CA ARG A 367 -14.35 -8.46 18.13
C ARG A 367 -13.08 -8.30 17.30
N VAL A 368 -12.84 -7.12 16.73
CA VAL A 368 -11.60 -6.87 16.01
C VAL A 368 -10.47 -6.56 16.97
N GLY A 369 -10.73 -5.70 17.97
CA GLY A 369 -9.69 -5.31 18.91
C GLY A 369 -9.33 -6.41 19.89
N VAL A 370 -10.31 -7.20 20.30
CA VAL A 370 -10.08 -8.35 21.18
C VAL A 370 -10.40 -9.62 20.40
N PRO A 371 -9.52 -10.08 19.52
CA PRO A 371 -9.85 -11.22 18.68
C PRO A 371 -9.68 -12.54 19.43
N GLN A 372 -10.18 -13.60 18.80
CA GLN A 372 -10.01 -14.99 19.23
C GLN A 372 -10.85 -15.36 20.45
N VAL A 373 -11.47 -14.37 21.12
CA VAL A 373 -12.23 -14.65 22.32
C VAL A 373 -13.65 -15.09 21.94
N SER A 374 -14.34 -15.67 22.92
CA SER A 374 -15.68 -16.22 22.72
C SER A 374 -16.74 -15.11 22.79
N ASP A 375 -17.93 -15.45 22.31
CA ASP A 375 -19.01 -14.46 22.26
C ASP A 375 -19.41 -14.00 23.65
N LEU A 376 -19.36 -14.90 24.64
CA LEU A 376 -19.66 -14.50 26.01
C LEU A 376 -18.58 -13.59 26.55
N ALA A 377 -17.32 -13.86 26.20
CA ALA A 377 -16.23 -12.98 26.59
C ALA A 377 -16.40 -11.59 25.98
N ALA A 378 -16.87 -11.53 24.73
CA ALA A 378 -17.11 -10.23 24.10
C ALA A 378 -18.20 -9.46 24.82
N GLU A 379 -19.27 -10.16 25.25
CA GLU A 379 -20.33 -9.50 25.99
C GLU A 379 -19.82 -8.94 27.31
N ALA A 380 -18.96 -9.70 28.00
CA ALA A 380 -18.35 -9.20 29.22
C ALA A 380 -17.58 -7.91 28.95
N VAL A 381 -16.87 -7.85 27.81
CA VAL A 381 -16.13 -6.63 27.48
C VAL A 381 -17.09 -5.50 27.16
N VAL A 382 -18.10 -5.77 26.33
CA VAL A 382 -19.04 -4.74 25.92
C VAL A 382 -19.79 -4.19 27.14
N LEU A 383 -20.32 -5.07 27.97
CA LEU A 383 -21.12 -4.63 29.10
C LEU A 383 -20.27 -4.10 30.25
N HIS A 384 -18.94 -4.21 30.17
CA HIS A 384 -18.05 -3.60 31.15
C HIS A 384 -17.56 -2.22 30.71
N TYR A 385 -17.47 -1.98 29.40
CA TYR A 385 -17.00 -0.72 28.86
C TYR A 385 -18.12 0.18 28.40
N THR A 386 -19.37 -0.25 28.54
CA THR A 386 -20.51 0.59 28.20
C THR A 386 -20.85 1.51 29.38
N ASP A 387 -21.06 2.79 29.08
CA ASP A 387 -21.70 3.70 30.03
C ASP A 387 -23.21 3.55 29.86
N TRP A 388 -23.87 2.98 30.86
CA TRP A 388 -25.27 2.60 30.68
C TRP A 388 -26.23 3.77 30.85
N LEU A 389 -25.75 4.95 31.23
CA LEU A 389 -26.57 6.14 31.13
C LEU A 389 -26.48 6.77 29.75
N HIS A 390 -25.46 6.44 28.97
CA HIS A 390 -25.32 6.91 27.59
C HIS A 390 -24.81 5.79 26.71
N PRO A 391 -25.56 4.67 26.61
CA PRO A 391 -25.06 3.51 25.88
C PRO A 391 -25.03 3.71 24.37
N GLU A 392 -25.45 4.86 23.86
CA GLU A 392 -25.48 5.10 22.42
C GLU A 392 -24.70 6.34 22.00
N ASP A 393 -24.14 7.10 22.95
CA ASP A 393 -23.35 8.28 22.62
C ASP A 393 -22.15 7.89 21.77
N PRO A 394 -22.07 8.33 20.51
CA PRO A 394 -20.95 7.90 19.66
C PRO A 394 -19.59 8.28 20.19
N ALA A 395 -19.43 9.52 20.68
CA ALA A 395 -18.15 9.95 21.21
C ALA A 395 -17.70 9.07 22.37
N ARG A 396 -18.62 8.71 23.25
CA ARG A 396 -18.25 7.84 24.36
C ARG A 396 -17.94 6.43 23.87
N LEU A 397 -18.67 5.95 22.86
CA LEU A 397 -18.37 4.64 22.32
C LEU A 397 -16.99 4.62 21.65
N ARG A 398 -16.62 5.74 21.02
CA ARG A 398 -15.31 5.84 20.41
C ARG A 398 -14.20 5.72 21.45
N GLU A 399 -14.31 6.46 22.55
CA GLU A 399 -13.31 6.36 23.60
C GLU A 399 -13.39 5.02 24.33
N ALA A 400 -14.57 4.40 24.33
CA ALA A 400 -14.69 3.09 24.99
C ALA A 400 -13.90 2.04 24.22
N LEU A 401 -14.07 1.99 22.90
CA LEU A 401 -13.31 1.03 22.10
C LEU A 401 -11.82 1.32 22.17
N SER A 402 -11.45 2.60 22.16
CA SER A 402 -10.04 2.96 22.33
C SER A 402 -9.52 2.44 23.66
N ASP A 403 -10.32 2.56 24.72
CA ASP A 403 -9.93 2.00 26.00
C ASP A 403 -9.89 0.48 25.96
N VAL A 404 -10.80 -0.14 25.21
CA VAL A 404 -10.84 -1.59 25.15
C VAL A 404 -9.54 -2.16 24.59
N VAL A 405 -9.13 -1.65 23.42
CA VAL A 405 -7.94 -2.19 22.78
C VAL A 405 -6.67 -1.68 23.46
N GLY A 406 -6.72 -0.50 24.07
CA GLY A 406 -5.56 0.00 24.79
C GLY A 406 -5.32 -0.74 26.10
N ASP A 407 -6.39 -1.04 26.84
CA ASP A 407 -6.23 -1.76 28.10
C ASP A 407 -5.83 -3.21 27.86
N HIS A 408 -6.50 -3.87 26.91
CA HIS A 408 -6.23 -5.28 26.65
C HIS A 408 -4.82 -5.51 26.15
N ASN A 409 -4.27 -4.59 25.36
CA ASN A 409 -3.01 -4.83 24.67
C ASN A 409 -1.80 -4.18 25.32
N VAL A 410 -1.97 -3.06 26.03
CA VAL A 410 -0.80 -2.34 26.54
C VAL A 410 -0.91 -2.12 28.04
N VAL A 411 -1.91 -1.36 28.48
CA VAL A 411 -1.93 -0.85 29.85
C VAL A 411 -2.02 -1.99 30.86
N CYS A 412 -2.85 -2.98 30.60
CA CYS A 412 -3.01 -4.03 31.60
C CYS A 412 -1.87 -5.04 31.57
N PRO A 413 -1.36 -5.46 30.40
CA PRO A 413 -0.12 -6.25 30.42
C PRO A 413 1.02 -5.53 31.12
N VAL A 414 1.12 -4.21 30.96
CA VAL A 414 2.18 -3.45 31.61
C VAL A 414 1.94 -3.40 33.12
N ALA A 415 0.70 -3.08 33.53
CA ALA A 415 0.40 -2.99 34.96
C ALA A 415 0.58 -4.34 35.65
N GLN A 416 0.17 -5.42 34.99
CA GLN A 416 0.42 -6.76 35.50
C GLN A 416 1.91 -6.95 35.77
N LEU A 417 2.75 -6.61 34.79
CA LEU A 417 4.19 -6.79 34.92
C LEU A 417 4.76 -5.90 36.02
N ALA A 418 4.39 -4.61 36.01
CA ALA A 418 4.94 -3.67 36.98
C ALA A 418 4.58 -4.07 38.42
N GLY A 419 3.40 -4.65 38.62
CA GLY A 419 3.04 -5.09 39.95
C GLY A 419 3.84 -6.31 40.40
N ARG A 420 3.98 -7.29 39.52
CA ARG A 420 4.75 -8.49 39.88
C ARG A 420 6.22 -8.17 40.11
N LEU A 421 6.78 -7.20 39.38
CA LEU A 421 8.17 -6.84 39.58
C LEU A 421 8.37 -6.19 40.94
N ALA A 422 7.51 -5.22 41.28
CA ALA A 422 7.65 -4.51 42.55
C ALA A 422 7.42 -5.46 43.72
N ALA A 423 6.45 -6.35 43.61
CA ALA A 423 6.18 -7.31 44.67
C ALA A 423 7.25 -8.38 44.79
N GLN A 424 8.10 -8.53 43.76
CA GLN A 424 9.13 -9.56 43.78
C GLN A 424 10.54 -8.98 43.82
N GLY A 425 10.67 -7.76 44.36
CA GLY A 425 11.95 -7.23 44.77
C GLY A 425 12.58 -6.19 43.88
N ALA A 426 11.93 -5.78 42.80
CA ALA A 426 12.48 -4.78 41.91
C ALA A 426 11.94 -3.41 42.27
N ARG A 427 12.83 -2.41 42.28
CA ARG A 427 12.40 -1.04 42.35
C ARG A 427 11.77 -0.65 41.02
N VAL A 428 10.53 -0.17 41.05
CA VAL A 428 9.78 0.13 39.84
C VAL A 428 9.25 1.56 39.93
N TYR A 429 9.37 2.30 38.84
CA TYR A 429 8.77 3.63 38.71
C TYR A 429 7.84 3.62 37.51
N ALA A 430 6.64 4.16 37.69
CA ALA A 430 5.60 4.10 36.66
C ALA A 430 5.15 5.51 36.31
N TYR A 431 4.78 5.70 35.04
CA TYR A 431 4.36 7.00 34.55
C TYR A 431 3.18 6.84 33.61
N VAL A 432 2.51 7.96 33.32
CA VAL A 432 1.51 8.03 32.26
C VAL A 432 1.76 9.32 31.50
N PHE A 433 2.03 9.21 30.20
CA PHE A 433 2.38 10.35 29.36
C PHE A 433 1.10 10.98 28.84
N GLU A 434 0.85 12.23 29.22
CA GLU A 434 -0.43 12.88 28.96
C GLU A 434 -0.31 14.15 28.14
N HIS A 435 0.86 14.47 27.60
CA HIS A 435 1.01 15.66 26.76
C HIS A 435 0.88 15.29 25.30
N ARG A 436 -0.02 15.96 24.60
CA ARG A 436 -0.19 15.79 23.16
C ARG A 436 0.64 16.85 22.44
N ALA A 437 1.59 16.40 21.63
CA ALA A 437 2.50 17.32 20.96
C ALA A 437 1.72 18.33 20.13
N SER A 438 2.15 19.59 20.19
CA SER A 438 1.49 20.66 19.44
C SER A 438 1.60 20.46 17.94
N THR A 439 2.60 19.70 17.48
CA THR A 439 2.82 19.48 16.06
C THR A 439 2.22 18.16 15.57
N LEU A 440 1.45 17.48 16.43
CA LEU A 440 0.90 16.17 16.09
C LEU A 440 -0.04 16.26 14.88
N SER A 441 0.12 15.34 13.94
CA SER A 441 -0.63 15.33 12.69
C SER A 441 -1.86 14.43 12.73
N TRP A 442 -1.92 13.48 13.67
CA TRP A 442 -3.13 12.69 13.84
C TRP A 442 -4.28 13.56 14.34
N PRO A 443 -5.51 13.13 14.13
CA PRO A 443 -6.66 13.97 14.51
C PRO A 443 -6.76 14.13 16.03
N LEU A 444 -7.56 15.12 16.42
CA LEU A 444 -7.69 15.46 17.83
C LEU A 444 -8.29 14.33 18.66
N TRP A 445 -9.22 13.56 18.08
CA TRP A 445 -9.91 12.55 18.87
C TRP A 445 -9.01 11.41 19.30
N MET A 446 -7.81 11.28 18.73
CA MET A 446 -6.89 10.25 19.15
C MET A 446 -6.13 10.63 20.41
N GLY A 447 -6.17 11.90 20.81
CA GLY A 447 -5.56 12.28 22.06
C GLY A 447 -4.05 12.20 21.98
N VAL A 448 -3.47 11.45 22.91
CA VAL A 448 -2.04 11.18 22.94
C VAL A 448 -1.85 9.75 22.45
N PRO A 449 -1.65 9.52 21.17
CA PRO A 449 -1.65 8.15 20.64
C PRO A 449 -0.39 7.42 21.05
N HIS A 450 -0.41 6.12 20.75
CA HIS A 450 0.73 5.26 21.02
C HIS A 450 1.92 5.65 20.16
N GLY A 451 3.07 5.84 20.80
CA GLY A 451 4.32 6.13 20.11
C GLY A 451 4.78 7.57 20.21
N TYR A 452 3.94 8.48 20.68
CA TYR A 452 4.21 9.90 20.57
C TYR A 452 4.73 10.51 21.87
N GLU A 453 5.32 9.70 22.74
CA GLU A 453 6.22 10.19 23.76
C GLU A 453 7.68 10.07 23.35
N ILE A 454 7.97 9.24 22.35
CA ILE A 454 9.35 8.98 21.96
C ILE A 454 10.06 10.26 21.57
N GLU A 455 9.39 11.12 20.82
CA GLU A 455 10.01 12.36 20.36
C GLU A 455 10.36 13.29 21.51
N PHE A 456 9.73 13.15 22.68
CA PHE A 456 10.11 13.96 23.81
C PHE A 456 11.24 13.33 24.63
N ILE A 457 11.25 12.00 24.74
CA ILE A 457 12.36 11.32 25.40
C ILE A 457 13.67 11.59 24.68
N PHE A 458 13.64 11.62 23.34
CA PHE A 458 14.83 11.83 22.54
C PHE A 458 15.11 13.31 22.28
N GLY A 459 14.32 14.20 22.88
CA GLY A 459 14.60 15.63 22.78
C GLY A 459 14.42 16.24 21.42
N ILE A 460 13.63 15.61 20.55
CA ILE A 460 13.38 16.12 19.20
C ILE A 460 12.87 17.57 19.21
N PRO A 461 12.11 18.03 20.22
CA PRO A 461 11.74 19.45 20.23
C PRO A 461 12.90 20.42 20.19
N LEU A 462 14.10 20.00 20.59
CA LEU A 462 15.26 20.88 20.55
C LEU A 462 15.75 21.16 19.13
N ASP A 463 15.30 20.38 18.15
CA ASP A 463 15.66 20.61 16.76
C ASP A 463 15.16 21.96 16.30
N PRO A 464 16.04 22.90 15.94
CA PRO A 464 15.57 24.24 15.55
C PRO A 464 14.73 24.23 14.29
N SER A 465 14.88 23.22 13.44
CA SER A 465 14.08 23.11 12.24
C SER A 465 12.70 22.51 12.49
N ARG A 466 12.22 22.52 13.73
CA ARG A 466 10.90 22.02 14.08
C ARG A 466 10.14 23.07 14.87
N ASN A 467 8.82 23.07 14.73
CA ASN A 467 7.96 24.12 15.27
C ASN A 467 7.39 23.75 16.63
N TYR A 468 8.23 23.24 17.52
CA TYR A 468 7.80 22.96 18.89
C TYR A 468 7.80 24.24 19.72
N THR A 469 6.91 24.29 20.71
CA THR A 469 6.79 25.45 21.59
C THR A 469 7.92 25.48 22.62
N ALA A 470 8.13 26.67 23.19
CA ALA A 470 9.14 26.82 24.24
C ALA A 470 8.86 25.92 25.44
N GLU A 471 7.58 25.70 25.76
CA GLU A 471 7.23 24.85 26.89
C GLU A 471 7.59 23.40 26.60
N GLU A 472 7.35 22.93 25.37
CA GLU A 472 7.68 21.56 25.02
C GLU A 472 9.18 21.33 25.01
N LYS A 473 9.97 22.37 24.71
CA LYS A 473 11.42 22.25 24.81
C LYS A 473 11.84 22.01 26.26
N ILE A 474 11.35 22.84 27.19
CA ILE A 474 11.67 22.64 28.60
C ILE A 474 11.13 21.30 29.09
N PHE A 475 9.91 20.96 28.65
CA PHE A 475 9.35 19.65 29.00
C PHE A 475 10.26 18.52 28.51
N ALA A 476 10.77 18.63 27.28
CA ALA A 476 11.64 17.58 26.75
C ALA A 476 12.92 17.45 27.56
N GLN A 477 13.51 18.58 27.95
CA GLN A 477 14.71 18.52 28.78
C GLN A 477 14.41 17.86 30.13
N ARG A 478 13.23 18.15 30.70
CA ARG A 478 12.84 17.53 31.95
C ARG A 478 12.76 16.01 31.82
N LEU A 479 12.12 15.52 30.75
CA LEU A 479 12.00 14.08 30.56
C LEU A 479 13.36 13.44 30.30
N MET A 480 14.23 14.11 29.55
CA MET A 480 15.57 13.57 29.33
C MET A 480 16.33 13.45 30.64
N ARG A 481 16.13 14.41 31.56
CA ARG A 481 16.74 14.31 32.88
C ARG A 481 16.19 13.12 33.66
N TYR A 482 14.86 12.90 33.60
CA TYR A 482 14.29 11.72 34.24
C TYR A 482 14.94 10.45 33.72
N TRP A 483 14.96 10.29 32.39
CA TRP A 483 15.50 9.06 31.81
C TRP A 483 16.98 8.90 32.12
N ALA A 484 17.76 9.98 32.03
CA ALA A 484 19.19 9.88 32.28
C ALA A 484 19.47 9.62 33.76
N ASN A 485 18.79 10.34 34.66
CA ASN A 485 18.95 10.07 36.09
C ASN A 485 18.66 8.61 36.41
N PHE A 486 17.63 8.04 35.80
CA PHE A 486 17.35 6.63 36.01
C PHE A 486 18.47 5.76 35.45
N ALA A 487 19.06 6.16 34.34
CA ALA A 487 20.17 5.39 33.77
C ALA A 487 21.40 5.48 34.64
N ARG A 488 21.66 6.67 35.22
CA ARG A 488 22.84 6.84 36.07
C ARG A 488 22.64 6.19 37.44
N THR A 489 21.54 6.50 38.13
CA THR A 489 21.36 6.15 39.53
C THR A 489 20.24 5.14 39.78
N GLY A 490 19.52 4.71 38.76
CA GLY A 490 18.39 3.83 38.98
C GLY A 490 17.17 4.50 39.57
N ASP A 491 17.18 5.83 39.66
CA ASP A 491 16.14 6.62 40.29
C ASP A 491 15.92 7.87 39.45
N PRO A 492 14.73 8.04 38.87
CA PRO A 492 14.49 9.22 38.02
C PRO A 492 14.55 10.53 38.79
N ASN A 493 14.41 10.50 40.11
CA ASN A 493 14.42 11.72 40.90
C ASN A 493 15.82 12.33 40.93
N GLU A 494 15.84 13.66 41.05
CA GLU A 494 17.11 14.38 41.10
C GLU A 494 17.89 13.98 42.34
N PRO A 495 19.15 13.58 42.21
CA PRO A 495 19.92 13.13 43.38
C PRO A 495 20.14 14.22 44.43
N ARG A 496 19.91 15.50 44.10
CA ARG A 496 20.15 16.59 45.02
C ARG A 496 19.01 17.61 45.09
N ASP A 497 17.96 17.46 44.30
CA ASP A 497 16.89 18.46 44.21
C ASP A 497 15.60 17.90 44.77
N PRO A 498 15.29 18.13 46.04
CA PRO A 498 13.97 17.78 46.58
C PRO A 498 12.92 18.87 46.42
N LYS A 499 13.31 20.03 45.87
CA LYS A 499 12.36 21.11 45.67
C LYS A 499 11.30 20.74 44.64
N ALA A 500 11.73 20.18 43.51
CA ALA A 500 10.79 19.72 42.48
C ALA A 500 9.96 18.56 43.03
N PRO A 501 8.73 18.40 42.53
CA PRO A 501 7.90 17.29 43.00
C PRO A 501 8.61 15.95 42.82
N GLN A 502 8.35 15.04 43.75
CA GLN A 502 9.06 13.77 43.81
C GLN A 502 8.26 12.67 43.13
N TRP A 503 9.00 11.71 42.56
CA TRP A 503 8.44 10.58 41.83
C TRP A 503 8.50 9.35 42.71
N PRO A 504 7.40 8.96 43.35
CA PRO A 504 7.46 7.81 44.28
C PRO A 504 7.54 6.52 43.51
N PRO A 505 8.21 5.50 44.06
CA PRO A 505 8.20 4.18 43.43
C PRO A 505 6.79 3.63 43.30
N TYR A 506 6.65 2.66 42.40
CA TYR A 506 5.39 1.96 42.18
C TYR A 506 5.43 0.66 42.98
N THR A 507 4.40 0.43 43.77
CA THR A 507 4.30 -0.75 44.60
C THR A 507 2.99 -1.47 44.31
N ALA A 508 2.98 -2.79 44.53
CA ALA A 508 1.78 -3.57 44.26
C ALA A 508 0.58 -3.09 45.09
N GLY A 509 0.81 -2.39 46.19
CA GLY A 509 -0.27 -1.90 47.03
C GLY A 509 -0.68 -0.48 46.71
N ALA A 510 0.24 0.47 46.88
CA ALA A 510 -0.10 1.87 46.64
C ALA A 510 -0.31 2.14 45.16
N GLN A 511 0.39 1.42 44.28
CA GLN A 511 0.23 1.54 42.84
C GLN A 511 0.35 2.99 42.39
N GLN A 512 1.39 3.66 42.87
CA GLN A 512 1.60 5.06 42.54
C GLN A 512 2.34 5.22 41.22
N TYR A 513 1.99 6.28 40.51
CA TYR A 513 2.65 6.65 39.27
C TYR A 513 2.53 8.17 39.14
N VAL A 514 3.24 8.72 38.16
CA VAL A 514 3.20 10.16 37.92
C VAL A 514 2.71 10.42 36.50
N SER A 515 2.05 11.57 36.32
CA SER A 515 1.64 12.02 35.00
C SER A 515 2.72 12.93 34.43
N LEU A 516 3.08 12.70 33.17
CA LEU A 516 4.12 13.47 32.49
C LEU A 516 3.43 14.40 31.50
N ASP A 517 3.43 15.69 31.81
CA ASP A 517 2.89 16.71 30.91
C ASP A 517 3.56 18.03 31.25
N LEU A 518 3.06 19.12 30.65
CA LEU A 518 3.66 20.42 30.86
C LEU A 518 3.58 20.86 32.32
N ARG A 519 2.58 20.38 33.04
CA ARG A 519 2.45 20.70 34.45
C ARG A 519 3.50 19.93 35.27
N PRO A 520 3.82 20.42 36.47
CA PRO A 520 4.74 19.67 37.32
C PRO A 520 4.21 18.29 37.65
N LEU A 521 5.11 17.43 38.13
CA LEU A 521 4.76 16.05 38.42
C LEU A 521 3.58 15.98 39.38
N GLU A 522 2.69 15.02 39.12
CA GLU A 522 1.50 14.80 39.94
C GLU A 522 1.37 13.31 40.20
N VAL A 523 1.30 12.92 41.46
CA VAL A 523 1.22 11.51 41.83
C VAL A 523 -0.24 11.07 41.78
N ARG A 524 -0.46 9.86 41.26
CA ARG A 524 -1.78 9.26 41.22
C ARG A 524 -1.63 7.81 41.64
N ARG A 525 -2.76 7.13 41.79
CA ARG A 525 -2.79 5.74 42.24
C ARG A 525 -3.62 4.92 41.27
N GLY A 526 -3.08 3.78 40.85
CA GLY A 526 -3.78 2.85 40.00
C GLY A 526 -3.58 3.10 38.52
N LEU A 527 -2.94 2.14 37.83
CA LEU A 527 -2.85 2.15 36.38
C LEU A 527 -4.09 1.49 35.80
N ARG A 528 -5.20 2.24 35.84
CA ARG A 528 -6.52 1.74 35.44
C ARG A 528 -6.83 0.42 36.16
N ALA A 529 -6.83 0.50 37.49
CA ALA A 529 -6.91 -0.71 38.32
C ALA A 529 -8.23 -1.44 38.12
N GLN A 530 -9.33 -0.69 37.96
CA GLN A 530 -10.63 -1.32 37.78
C GLN A 530 -10.69 -2.10 36.48
N ALA A 531 -10.35 -1.44 35.37
CA ALA A 531 -10.38 -2.13 34.08
C ALA A 531 -9.38 -3.28 34.05
N CYS A 532 -8.19 -3.07 34.59
CA CYS A 532 -7.17 -4.10 34.48
C CYS A 532 -7.47 -5.31 35.35
N ALA A 533 -8.25 -5.14 36.41
CA ALA A 533 -8.73 -6.30 37.14
C ALA A 533 -9.66 -7.15 36.28
N PHE A 534 -10.43 -6.50 35.40
CA PHE A 534 -11.29 -7.26 34.48
C PHE A 534 -10.46 -8.10 33.52
N TRP A 535 -9.39 -7.52 32.97
CA TRP A 535 -8.55 -8.27 32.03
C TRP A 535 -7.66 -9.29 32.73
N ASN A 536 -7.04 -8.89 33.84
CA ASN A 536 -6.07 -9.76 34.49
C ASN A 536 -6.70 -10.83 35.37
N ARG A 537 -7.85 -10.53 35.98
CA ARG A 537 -8.43 -11.42 36.98
C ARG A 537 -9.69 -12.12 36.48
N PHE A 538 -10.71 -11.37 36.07
CA PHE A 538 -11.98 -12.02 35.74
C PHE A 538 -11.92 -12.74 34.40
N LEU A 539 -11.43 -12.07 33.35
CA LEU A 539 -11.49 -12.64 32.01
C LEU A 539 -10.81 -14.00 31.87
N PRO A 540 -9.65 -14.28 32.49
CA PRO A 540 -9.11 -15.65 32.40
C PRO A 540 -10.04 -16.69 33.01
N LYS A 541 -10.68 -16.36 34.15
CA LYS A 541 -11.65 -17.28 34.75
C LYS A 541 -12.86 -17.49 33.85
N LEU A 542 -13.24 -16.47 33.08
CA LEU A 542 -14.36 -16.58 32.16
C LEU A 542 -14.00 -17.41 30.93
N LEU A 543 -12.73 -17.40 30.53
CA LEU A 543 -12.32 -18.12 29.33
C LEU A 543 -12.22 -19.63 29.52
N SER A 544 -12.25 -20.12 30.76
CA SER A 544 -12.34 -21.55 31.02
C SER A 544 -13.78 -22.04 31.12
N ALA A 545 -14.62 -21.56 30.19
CA ALA A 545 -15.96 -22.07 29.92
C ALA A 545 -15.96 -23.14 28.83
N THR A 546 -15.15 -22.94 27.78
CA THR A 546 -15.09 -23.89 26.68
C THR A 546 -14.39 -25.19 27.08
N GLU B 7 15.96 21.08 -40.66
CA GLU B 7 16.78 20.54 -39.58
C GLU B 7 15.96 20.39 -38.28
N ASP B 8 16.48 20.97 -37.20
CA ASP B 8 15.80 20.95 -35.92
C ASP B 8 14.68 21.98 -35.83
N ALA B 9 14.27 22.58 -36.95
CA ALA B 9 13.15 23.51 -36.95
C ALA B 9 11.81 22.79 -36.87
N GLU B 10 11.79 21.48 -37.12
CA GLU B 10 10.55 20.71 -37.04
C GLU B 10 10.12 20.42 -35.60
N LEU B 11 10.97 20.73 -34.62
CA LEU B 11 10.59 20.62 -33.22
C LEU B 11 9.92 21.88 -32.69
N LEU B 12 9.59 22.83 -33.56
CA LEU B 12 8.86 24.03 -33.17
C LEU B 12 7.57 24.08 -33.97
N VAL B 13 6.45 24.22 -33.25
CA VAL B 13 5.13 24.17 -33.85
C VAL B 13 4.23 25.17 -33.14
N THR B 14 3.40 25.87 -33.90
CA THR B 14 2.45 26.82 -33.36
C THR B 14 1.05 26.22 -33.43
N VAL B 15 0.31 26.31 -32.33
CA VAL B 15 -1.09 25.89 -32.29
C VAL B 15 -1.94 27.09 -31.91
N ARG B 16 -3.25 26.88 -31.79
CA ARG B 16 -4.16 28.01 -31.57
C ARG B 16 -3.84 28.77 -30.29
N GLY B 17 -3.26 28.11 -29.30
CA GLY B 17 -3.03 28.77 -28.02
C GLY B 17 -1.66 29.41 -27.91
N GLY B 18 -0.71 29.01 -28.76
CA GLY B 18 0.63 29.52 -28.66
C GLY B 18 1.63 28.56 -29.31
N ARG B 19 2.89 28.77 -28.99
CA ARG B 19 4.00 28.05 -29.60
C ARG B 19 4.50 26.95 -28.68
N LEU B 20 5.09 25.91 -29.28
CA LEU B 20 5.55 24.73 -28.57
C LEU B 20 6.92 24.31 -29.09
N ARG B 21 7.78 23.84 -28.19
CA ARG B 21 9.03 23.19 -28.57
C ARG B 21 8.95 21.73 -28.14
N GLY B 22 9.13 20.83 -29.09
CA GLY B 22 9.11 19.41 -28.84
C GLY B 22 10.49 18.84 -28.69
N ILE B 23 10.59 17.51 -28.84
CA ILE B 23 11.84 16.78 -28.68
C ILE B 23 11.90 15.68 -29.74
N ARG B 24 13.11 15.36 -30.17
CA ARG B 24 13.32 14.29 -31.12
C ARG B 24 13.61 13.00 -30.37
N LEU B 25 12.77 11.99 -30.58
CA LEU B 25 12.93 10.68 -29.95
C LEU B 25 13.56 9.71 -30.95
N LYS B 26 14.44 8.85 -30.45
CA LYS B 26 15.14 7.89 -31.28
C LYS B 26 14.45 6.54 -31.25
N THR B 27 14.36 5.91 -32.42
CA THR B 27 13.95 4.53 -32.62
C THR B 27 14.97 3.85 -33.52
N PRO B 28 15.13 2.54 -33.40
CA PRO B 28 16.11 1.85 -34.27
C PRO B 28 15.88 2.06 -35.75
N GLY B 29 14.67 2.46 -36.16
CA GLY B 29 14.38 2.71 -37.55
C GLY B 29 14.43 4.15 -37.98
N GLY B 30 14.73 5.07 -37.08
CA GLY B 30 14.77 6.48 -37.41
C GLY B 30 14.15 7.34 -36.34
N PRO B 31 14.32 8.65 -36.45
CA PRO B 31 13.82 9.57 -35.43
C PRO B 31 12.34 9.87 -35.61
N VAL B 32 11.77 10.46 -34.55
CA VAL B 32 10.39 10.87 -34.50
C VAL B 32 10.32 12.15 -33.68
N SER B 33 9.40 13.04 -34.05
CA SER B 33 9.21 14.28 -33.32
C SER B 33 8.05 14.11 -32.34
N ALA B 34 8.30 14.43 -31.07
CA ALA B 34 7.32 14.30 -30.01
C ALA B 34 7.07 15.64 -29.35
N PHE B 35 5.82 15.87 -28.95
CA PHE B 35 5.42 17.10 -28.28
C PHE B 35 4.67 16.69 -27.02
N LEU B 36 5.43 16.46 -25.94
CA LEU B 36 4.92 15.90 -24.70
C LEU B 36 4.57 17.01 -23.72
N GLY B 37 3.34 16.99 -23.22
CA GLY B 37 2.91 17.91 -22.19
C GLY B 37 2.14 19.12 -22.66
N ILE B 38 1.42 19.04 -23.77
CA ILE B 38 0.68 20.16 -24.30
C ILE B 38 -0.55 20.43 -23.43
N PRO B 39 -0.66 21.59 -22.80
CA PRO B 39 -1.89 21.89 -22.04
C PRO B 39 -3.06 22.08 -22.98
N PHE B 40 -4.14 21.33 -22.72
CA PHE B 40 -5.37 21.49 -23.49
C PHE B 40 -6.53 21.99 -22.64
N ALA B 41 -6.33 22.19 -21.34
CA ALA B 41 -7.39 22.74 -20.50
C ALA B 41 -6.79 23.59 -19.41
N GLU B 42 -7.61 24.46 -18.83
CA GLU B 42 -7.19 25.16 -17.63
C GLU B 42 -7.05 24.16 -16.48
N PRO B 43 -6.03 24.31 -15.64
CA PRO B 43 -5.86 23.40 -14.50
C PRO B 43 -7.13 23.35 -13.66
N PRO B 44 -7.73 22.16 -13.50
CA PRO B 44 -9.00 22.03 -12.77
C PRO B 44 -8.80 21.96 -11.26
N MET B 45 -8.23 23.02 -10.71
CA MET B 45 -7.89 23.07 -9.30
C MET B 45 -8.80 24.05 -8.57
N GLY B 46 -8.81 23.92 -7.24
CA GLY B 46 -9.57 24.81 -6.39
C GLY B 46 -11.04 24.79 -6.71
N PRO B 47 -11.60 25.97 -7.05
CA PRO B 47 -13.05 26.05 -7.29
C PRO B 47 -13.51 25.27 -8.51
N ARG B 48 -12.57 24.82 -9.34
CA ARG B 48 -12.91 24.09 -10.55
C ARG B 48 -12.95 22.58 -10.35
N ARG B 49 -12.43 22.11 -9.22
CA ARG B 49 -12.43 20.68 -8.96
C ARG B 49 -13.86 20.14 -9.07
N PHE B 50 -14.01 19.02 -9.79
CA PHE B 50 -15.26 18.32 -10.11
C PHE B 50 -16.05 19.01 -11.24
N LEU B 51 -15.57 20.14 -11.76
CA LEU B 51 -16.30 20.84 -12.82
C LEU B 51 -15.82 20.39 -14.19
N PRO B 52 -16.65 20.53 -15.22
CA PRO B 52 -16.21 20.21 -16.57
C PRO B 52 -14.99 21.03 -16.94
N PRO B 53 -14.14 20.52 -17.81
CA PRO B 53 -12.92 21.24 -18.16
C PRO B 53 -13.23 22.49 -18.96
N GLU B 54 -12.41 23.49 -18.79
CA GLU B 54 -12.44 24.70 -19.59
C GLU B 54 -11.20 24.75 -20.48
N PRO B 55 -11.32 25.26 -21.70
CA PRO B 55 -10.18 25.20 -22.63
C PRO B 55 -9.01 26.04 -22.12
N LYS B 56 -7.81 25.54 -22.38
CA LYS B 56 -6.60 26.28 -22.02
C LYS B 56 -6.55 27.60 -22.78
N GLN B 57 -6.50 28.70 -22.03
CA GLN B 57 -6.46 30.02 -22.65
C GLN B 57 -5.07 30.27 -23.25
N PRO B 58 -4.99 31.06 -24.33
CA PRO B 58 -3.73 31.17 -25.06
C PRO B 58 -2.63 31.76 -24.20
N TRP B 59 -1.40 31.34 -24.50
CA TRP B 59 -0.24 31.66 -23.69
C TRP B 59 0.78 32.44 -24.51
N SER B 60 1.57 33.25 -23.81
CA SER B 60 2.68 33.96 -24.41
C SER B 60 3.95 33.13 -24.31
N GLY B 61 4.84 33.29 -25.29
CA GLY B 61 6.09 32.59 -25.26
C GLY B 61 5.98 31.18 -25.80
N VAL B 62 6.99 30.38 -25.47
CA VAL B 62 7.12 29.02 -25.99
C VAL B 62 6.96 28.05 -24.83
N VAL B 63 5.88 27.26 -24.87
CA VAL B 63 5.68 26.22 -23.87
C VAL B 63 6.67 25.08 -24.13
N ASP B 64 7.38 24.66 -23.09
CA ASP B 64 8.25 23.50 -23.23
C ASP B 64 7.41 22.24 -23.32
N ALA B 65 7.62 21.46 -24.38
CA ALA B 65 6.87 20.23 -24.63
C ALA B 65 7.82 19.08 -24.88
N THR B 66 8.82 18.93 -24.00
CA THR B 66 9.86 17.93 -24.18
C THR B 66 9.77 16.80 -23.17
N THR B 67 8.85 16.87 -22.21
CA THR B 67 8.72 15.81 -21.21
C THR B 67 7.26 15.69 -20.80
N PHE B 68 6.91 14.50 -20.31
CA PHE B 68 5.56 14.24 -19.87
C PHE B 68 5.23 15.10 -18.66
N GLN B 69 3.97 15.51 -18.56
CA GLN B 69 3.51 16.36 -17.48
C GLN B 69 3.03 15.50 -16.31
N SER B 70 2.38 16.13 -15.34
CA SER B 70 2.02 15.44 -14.11
C SER B 70 0.92 14.42 -14.37
N VAL B 71 0.94 13.36 -13.55
CA VAL B 71 -0.11 12.35 -13.53
C VAL B 71 -1.26 12.85 -12.67
N CYS B 72 -2.49 12.62 -13.13
CA CYS B 72 -3.66 12.99 -12.34
C CYS B 72 -3.71 12.18 -11.04
N TYR B 73 -4.15 12.85 -9.97
CA TYR B 73 -4.20 12.22 -8.66
C TYR B 73 -4.97 10.91 -8.70
N GLN B 74 -4.36 9.86 -8.17
CA GLN B 74 -4.94 8.53 -8.26
C GLN B 74 -4.34 7.64 -7.19
N TYR B 75 -5.09 6.60 -6.84
CA TYR B 75 -4.58 5.56 -5.97
C TYR B 75 -3.39 4.87 -6.61
N VAL B 76 -2.42 4.48 -5.79
CA VAL B 76 -1.20 3.83 -6.25
C VAL B 76 -1.23 2.39 -5.75
N ASP B 77 -1.15 1.45 -6.69
CA ASP B 77 -1.26 0.03 -6.35
C ASP B 77 -0.03 -0.43 -5.56
N THR B 78 -0.27 -1.04 -4.40
CA THR B 78 0.80 -1.47 -3.51
C THR B 78 0.69 -2.95 -3.15
N LEU B 79 -0.05 -3.73 -3.94
CA LEU B 79 -0.26 -5.15 -3.62
C LEU B 79 1.04 -5.94 -3.70
N TYR B 80 1.91 -5.60 -4.65
CA TYR B 80 3.20 -6.27 -4.81
C TYR B 80 4.28 -5.21 -4.98
N PRO B 81 4.73 -4.60 -3.88
CA PRO B 81 5.77 -3.58 -3.98
C PRO B 81 7.01 -4.11 -4.69
N GLY B 82 7.61 -3.25 -5.52
CA GLY B 82 8.79 -3.64 -6.26
C GLY B 82 8.56 -4.58 -7.42
N PHE B 83 7.32 -4.89 -7.75
CA PHE B 83 7.01 -5.90 -8.77
C PHE B 83 6.79 -5.23 -10.12
N GLU B 84 7.45 -5.75 -11.15
CA GLU B 84 7.35 -5.15 -12.48
C GLU B 84 5.92 -5.23 -13.01
N GLY B 85 5.22 -6.33 -12.73
CA GLY B 85 3.91 -6.54 -13.32
C GLY B 85 2.85 -5.59 -12.82
N THR B 86 3.00 -5.06 -11.60
CA THR B 86 2.05 -4.09 -11.08
C THR B 86 2.53 -2.65 -11.23
N GLU B 87 3.85 -2.42 -11.07
CA GLU B 87 4.32 -1.04 -11.05
C GLU B 87 4.49 -0.45 -12.44
N MET B 88 4.37 -1.26 -13.49
CA MET B 88 4.37 -0.70 -14.84
C MET B 88 3.12 0.11 -15.13
N TRP B 89 2.09 -0.01 -14.29
CA TRP B 89 0.86 0.75 -14.45
C TRP B 89 0.76 1.90 -13.46
N ASN B 90 1.69 2.00 -12.53
CA ASN B 90 1.66 3.03 -11.50
C ASN B 90 2.19 4.35 -12.06
N PRO B 91 1.85 5.48 -11.42
CA PRO B 91 2.32 6.77 -11.92
C PRO B 91 3.83 6.82 -12.01
N ASN B 92 4.33 7.34 -13.13
CA ASN B 92 5.75 7.55 -13.32
C ASN B 92 6.10 9.03 -13.40
N ARG B 93 5.15 9.90 -13.04
CA ARG B 93 5.40 11.32 -12.83
C ARG B 93 4.72 11.73 -11.54
N GLU B 94 5.00 12.96 -11.12
CA GLU B 94 4.42 13.47 -9.88
C GLU B 94 2.91 13.61 -10.01
N LEU B 95 2.20 13.29 -8.93
CA LEU B 95 0.76 13.46 -8.91
C LEU B 95 0.40 14.93 -8.73
N SER B 96 -0.65 15.38 -9.43
CA SER B 96 -1.14 16.73 -9.29
C SER B 96 -2.52 16.84 -9.94
N GLU B 97 -3.34 17.76 -9.43
CA GLU B 97 -4.59 18.08 -10.10
C GLU B 97 -4.35 18.86 -11.39
N ASP B 98 -3.21 19.53 -11.51
CA ASP B 98 -2.76 20.15 -12.76
C ASP B 98 -2.22 19.05 -13.65
N CYS B 99 -3.13 18.39 -14.37
CA CYS B 99 -2.75 17.21 -15.15
C CYS B 99 -3.40 17.12 -16.52
N LEU B 100 -4.28 18.06 -16.88
CA LEU B 100 -4.93 18.04 -18.19
C LEU B 100 -3.94 18.47 -19.27
N TYR B 101 -3.12 17.51 -19.69
CA TYR B 101 -2.14 17.70 -20.74
C TYR B 101 -2.28 16.57 -21.75
N LEU B 102 -1.85 16.82 -22.99
CA LEU B 102 -1.87 15.79 -24.02
C LEU B 102 -0.52 15.76 -24.72
N ASN B 103 -0.28 14.69 -25.46
CA ASN B 103 0.99 14.47 -26.14
C ASN B 103 0.71 14.10 -27.60
N VAL B 104 1.62 14.53 -28.48
CA VAL B 104 1.50 14.28 -29.91
C VAL B 104 2.83 13.74 -30.40
N TRP B 105 2.81 12.55 -31.00
CA TRP B 105 3.95 12.03 -31.74
C TRP B 105 3.67 12.21 -33.22
N THR B 106 4.71 12.54 -33.98
CA THR B 106 4.56 12.76 -35.41
C THR B 106 5.82 12.30 -36.12
N PRO B 107 5.71 11.77 -37.34
CA PRO B 107 6.90 11.22 -38.01
C PRO B 107 7.91 12.32 -38.35
N TYR B 108 9.15 11.88 -38.52
CA TYR B 108 10.21 12.74 -39.04
C TYR B 108 10.69 12.16 -40.37
N PRO B 109 10.68 12.93 -41.47
CA PRO B 109 10.19 14.32 -41.51
C PRO B 109 8.68 14.42 -41.36
N ARG B 110 8.23 15.56 -40.87
CA ARG B 110 6.80 15.79 -40.69
C ARG B 110 6.06 15.50 -42.00
N PRO B 111 4.91 14.82 -41.96
CA PRO B 111 4.20 14.51 -43.20
C PRO B 111 3.78 15.79 -43.90
N THR B 112 3.88 15.78 -45.22
CA THR B 112 3.51 16.93 -46.02
C THR B 112 2.05 16.91 -46.43
N SER B 113 1.47 15.70 -46.62
CA SER B 113 0.05 15.50 -46.83
C SER B 113 -0.61 15.06 -45.52
N PRO B 114 -1.90 15.38 -45.34
CA PRO B 114 -2.58 14.98 -44.10
C PRO B 114 -2.50 13.47 -43.86
N THR B 115 -2.29 13.10 -42.59
CA THR B 115 -2.03 11.74 -42.17
C THR B 115 -3.08 11.29 -41.14
N PRO B 116 -3.52 10.03 -41.20
CA PRO B 116 -4.48 9.54 -40.21
C PRO B 116 -3.95 9.65 -38.79
N VAL B 117 -4.85 10.00 -37.88
CA VAL B 117 -4.52 10.29 -36.48
C VAL B 117 -5.04 9.17 -35.59
N LEU B 118 -4.16 8.58 -34.80
CA LEU B 118 -4.54 7.64 -33.75
C LEU B 118 -4.56 8.37 -32.42
N VAL B 119 -5.64 8.20 -31.66
CA VAL B 119 -5.79 8.82 -30.35
C VAL B 119 -5.96 7.72 -29.31
N TRP B 120 -5.04 7.68 -28.34
CA TRP B 120 -5.02 6.67 -27.30
C TRP B 120 -5.71 7.18 -26.03
N ILE B 121 -6.56 6.33 -25.45
CA ILE B 121 -7.18 6.60 -24.16
C ILE B 121 -6.82 5.46 -23.23
N TYR B 122 -6.05 5.76 -22.19
CA TYR B 122 -5.55 4.72 -21.31
C TYR B 122 -6.67 4.15 -20.44
N GLY B 123 -6.46 2.93 -19.95
CA GLY B 123 -7.37 2.29 -19.02
C GLY B 123 -6.95 2.53 -17.59
N GLY B 124 -7.50 1.69 -16.70
CA GLY B 124 -7.20 1.81 -15.29
C GLY B 124 -8.45 1.92 -14.43
N GLY B 125 -9.54 1.35 -14.92
CA GLY B 125 -10.78 1.27 -14.17
C GLY B 125 -11.39 2.60 -13.79
N PHE B 126 -11.08 3.66 -14.53
CA PHE B 126 -11.54 5.02 -14.25
C PHE B 126 -11.03 5.56 -12.91
N TYR B 127 -10.09 4.86 -12.26
CA TYR B 127 -9.51 5.31 -11.01
C TYR B 127 -8.01 5.56 -11.09
N SER B 128 -7.36 5.16 -12.17
CA SER B 128 -5.91 5.30 -12.31
C SER B 128 -5.57 5.33 -13.80
N GLY B 129 -4.27 5.47 -14.08
CA GLY B 129 -3.78 5.50 -15.44
C GLY B 129 -3.11 6.82 -15.80
N ALA B 130 -2.26 6.79 -16.82
CA ALA B 130 -1.56 8.00 -17.24
C ALA B 130 -1.04 7.79 -18.65
N SER B 131 -1.01 8.88 -19.43
CA SER B 131 -0.48 8.82 -20.79
C SER B 131 1.03 8.72 -20.83
N SER B 132 1.72 8.89 -19.69
CA SER B 132 3.17 8.92 -19.63
C SER B 132 3.79 7.54 -19.40
N LEU B 133 2.97 6.50 -19.24
CA LEU B 133 3.50 5.17 -18.97
C LEU B 133 4.38 4.70 -20.12
N ASP B 134 5.47 4.03 -19.77
CA ASP B 134 6.43 3.60 -20.77
C ASP B 134 5.79 2.68 -21.82
N VAL B 135 4.81 1.87 -21.40
CA VAL B 135 4.14 0.95 -22.32
C VAL B 135 3.24 1.66 -23.32
N TYR B 136 2.99 2.96 -23.14
CA TYR B 136 2.17 3.74 -24.08
C TYR B 136 2.99 4.66 -24.98
N ASP B 137 4.30 4.47 -25.06
CA ASP B 137 5.14 5.40 -25.81
C ASP B 137 4.95 5.16 -27.31
N GLY B 138 4.50 6.19 -28.01
CA GLY B 138 4.15 6.09 -29.41
C GLY B 138 5.27 6.24 -30.40
N ARG B 139 6.53 6.26 -29.97
CA ARG B 139 7.62 6.49 -30.90
C ARG B 139 7.75 5.35 -31.91
N PHE B 140 7.39 4.12 -31.53
CA PHE B 140 7.58 3.00 -32.44
C PHE B 140 6.42 2.87 -33.42
N LEU B 141 5.19 3.11 -32.95
CA LEU B 141 4.03 3.05 -33.83
C LEU B 141 4.11 4.14 -34.90
N VAL B 142 4.61 5.31 -34.53
CA VAL B 142 4.65 6.44 -35.46
C VAL B 142 5.78 6.27 -36.48
N GLN B 143 6.93 5.77 -36.04
CA GLN B 143 8.03 5.54 -36.97
C GLN B 143 7.69 4.45 -37.98
N ALA B 144 7.15 3.33 -37.50
CA ALA B 144 6.95 2.16 -38.35
C ALA B 144 5.80 2.32 -39.32
N GLU B 145 4.78 3.11 -38.96
CA GLU B 145 3.57 3.22 -39.77
C GLU B 145 3.25 4.64 -40.19
N ARG B 146 4.14 5.59 -39.94
CA ARG B 146 4.03 6.97 -40.45
C ARG B 146 2.66 7.57 -40.15
N THR B 147 2.07 7.19 -39.03
CA THR B 147 0.83 7.79 -38.57
C THR B 147 1.13 8.84 -37.50
N VAL B 148 0.11 9.59 -37.09
CA VAL B 148 0.22 10.60 -36.06
C VAL B 148 -0.53 10.09 -34.83
N LEU B 149 0.15 10.02 -33.69
CA LEU B 149 -0.41 9.48 -32.46
C LEU B 149 -0.61 10.59 -31.45
N VAL B 150 -1.79 10.64 -30.85
CA VAL B 150 -2.13 11.58 -29.79
C VAL B 150 -2.61 10.78 -28.57
N SER B 151 -2.26 11.26 -27.38
CA SER B 151 -2.75 10.67 -26.15
C SER B 151 -2.93 11.77 -25.13
N MET B 152 -4.01 11.70 -24.36
CA MET B 152 -4.33 12.72 -23.37
C MET B 152 -4.41 12.11 -21.97
N ASN B 153 -4.26 12.97 -20.97
CA ASN B 153 -4.62 12.63 -19.61
C ASN B 153 -6.04 13.10 -19.35
N TYR B 154 -6.78 12.31 -18.59
CA TYR B 154 -8.11 12.70 -18.14
C TYR B 154 -8.20 12.41 -16.66
N ARG B 155 -9.03 13.18 -15.97
CA ARG B 155 -9.18 13.02 -14.53
C ARG B 155 -9.80 11.66 -14.21
N VAL B 156 -9.20 10.95 -13.25
CA VAL B 156 -9.74 9.67 -12.82
C VAL B 156 -10.24 9.78 -11.38
N GLY B 157 -10.80 8.70 -10.86
CA GLY B 157 -11.29 8.65 -9.50
C GLY B 157 -12.35 9.70 -9.22
N ALA B 158 -12.40 10.14 -7.97
CA ALA B 158 -13.38 11.15 -7.57
C ALA B 158 -13.22 12.43 -8.38
N PHE B 159 -11.99 12.79 -8.74
CA PHE B 159 -11.75 14.04 -9.45
C PHE B 159 -12.33 14.02 -10.86
N GLY B 160 -12.49 12.84 -11.45
CA GLY B 160 -13.06 12.75 -12.77
C GLY B 160 -14.50 12.27 -12.79
N PHE B 161 -14.94 11.56 -11.75
CA PHE B 161 -16.24 10.90 -11.84
C PHE B 161 -17.06 10.95 -10.54
N LEU B 162 -16.67 11.72 -9.53
CA LEU B 162 -17.59 11.98 -8.44
C LEU B 162 -18.78 12.73 -8.98
N ALA B 163 -19.98 12.29 -8.60
CA ALA B 163 -21.19 12.85 -9.17
C ALA B 163 -22.27 12.95 -8.11
N LEU B 164 -22.83 14.14 -7.95
CA LEU B 164 -24.11 14.35 -7.29
C LEU B 164 -25.09 14.74 -8.38
N PRO B 165 -25.79 13.79 -9.00
CA PRO B 165 -26.52 14.09 -10.23
C PRO B 165 -27.57 15.17 -10.03
N GLY B 166 -27.70 16.04 -11.05
CA GLY B 166 -28.64 17.12 -11.00
C GLY B 166 -28.00 18.44 -10.64
N SER B 167 -27.07 18.41 -9.70
CA SER B 167 -26.36 19.61 -9.29
C SER B 167 -25.32 19.99 -10.34
N ARG B 168 -24.95 21.27 -10.31
CA ARG B 168 -23.93 21.78 -11.21
C ARG B 168 -22.57 21.94 -10.53
N GLU B 169 -22.50 21.76 -9.21
CA GLU B 169 -21.21 21.76 -8.53
C GLU B 169 -20.43 20.48 -8.80
N ALA B 170 -21.11 19.37 -9.02
CA ALA B 170 -20.47 18.09 -9.30
C ALA B 170 -21.36 17.29 -10.24
N PRO B 171 -21.33 17.63 -11.53
CA PRO B 171 -22.27 16.99 -12.47
C PRO B 171 -21.91 15.56 -12.81
N GLY B 172 -20.65 15.18 -12.71
CA GLY B 172 -20.23 13.85 -13.07
C GLY B 172 -19.75 13.77 -14.51
N ASN B 173 -19.05 12.68 -14.81
CA ASN B 173 -18.50 12.37 -16.13
C ASN B 173 -17.52 13.43 -16.62
N VAL B 174 -17.01 14.29 -15.72
CA VAL B 174 -16.08 15.32 -16.16
C VAL B 174 -14.79 14.71 -16.68
N GLY B 175 -14.44 13.51 -16.26
CA GLY B 175 -13.31 12.82 -16.85
C GLY B 175 -13.54 12.46 -18.30
N LEU B 176 -14.79 12.12 -18.65
CA LEU B 176 -15.12 11.88 -20.05
C LEU B 176 -15.08 13.20 -20.84
N LEU B 177 -15.51 14.29 -20.21
CA LEU B 177 -15.44 15.59 -20.88
C LEU B 177 -13.99 16.04 -21.10
N ASP B 178 -13.08 15.69 -20.17
CA ASP B 178 -11.67 15.95 -20.42
C ASP B 178 -11.21 15.27 -21.71
N GLN B 179 -11.58 14.00 -21.89
CA GLN B 179 -11.23 13.30 -23.13
C GLN B 179 -11.87 13.98 -24.33
N ARG B 180 -13.12 14.42 -24.19
CA ARG B 180 -13.81 15.08 -25.30
C ARG B 180 -13.11 16.36 -25.68
N LEU B 181 -12.74 17.17 -24.68
CA LEU B 181 -12.01 18.40 -24.95
C LEU B 181 -10.71 18.11 -25.71
N ALA B 182 -9.98 17.08 -25.27
CA ALA B 182 -8.78 16.66 -26.01
C ALA B 182 -9.12 16.27 -27.43
N LEU B 183 -10.34 15.78 -27.68
CA LEU B 183 -10.73 15.43 -29.05
C LEU B 183 -11.08 16.68 -29.84
N GLN B 184 -11.80 17.63 -29.23
CA GLN B 184 -11.97 18.94 -29.85
C GLN B 184 -10.63 19.61 -30.15
N TRP B 185 -9.66 19.43 -29.25
CA TRP B 185 -8.33 19.99 -29.48
C TRP B 185 -7.66 19.36 -30.70
N VAL B 186 -7.82 18.04 -30.87
CA VAL B 186 -7.20 17.37 -32.00
C VAL B 186 -7.81 17.88 -33.30
N GLN B 187 -9.12 18.17 -33.27
CA GLN B 187 -9.78 18.73 -34.44
C GLN B 187 -9.15 20.06 -34.85
N GLU B 188 -8.89 20.92 -33.87
CA GLU B 188 -8.44 22.28 -34.14
C GLU B 188 -6.94 22.41 -34.35
N ASN B 189 -6.14 21.39 -34.01
CA ASN B 189 -4.70 21.57 -34.02
C ASN B 189 -3.90 20.43 -34.60
N VAL B 190 -4.46 19.24 -34.79
CA VAL B 190 -3.62 18.13 -35.25
C VAL B 190 -3.08 18.40 -36.65
N ALA B 191 -3.75 19.27 -37.42
CA ALA B 191 -3.24 19.61 -38.75
C ALA B 191 -1.87 20.26 -38.66
N ALA B 192 -1.64 21.07 -37.61
CA ALA B 192 -0.34 21.71 -37.43
C ALA B 192 0.79 20.70 -37.26
N PHE B 193 0.48 19.45 -36.92
CA PHE B 193 1.49 18.41 -36.79
C PHE B 193 1.53 17.47 -37.99
N GLY B 194 0.75 17.76 -39.04
CA GLY B 194 0.68 16.91 -40.20
C GLY B 194 -0.45 15.90 -40.20
N GLY B 195 -1.41 16.02 -39.29
CA GLY B 195 -2.44 15.02 -39.12
C GLY B 195 -3.76 15.43 -39.77
N ASP B 196 -4.51 14.42 -40.21
CA ASP B 196 -5.78 14.65 -40.87
C ASP B 196 -6.91 14.65 -39.84
N PRO B 197 -7.51 15.81 -39.53
CA PRO B 197 -8.65 15.81 -38.61
C PRO B 197 -9.92 15.18 -39.17
N THR B 198 -9.90 14.68 -40.41
CA THR B 198 -11.04 13.93 -40.95
C THR B 198 -10.82 12.42 -40.89
N SER B 199 -9.66 11.96 -40.41
CA SER B 199 -9.36 10.54 -40.28
C SER B 199 -8.78 10.29 -38.88
N VAL B 200 -9.64 10.38 -37.87
CA VAL B 200 -9.26 10.21 -36.47
C VAL B 200 -9.81 8.89 -35.95
N THR B 201 -8.91 8.01 -35.53
CA THR B 201 -9.26 6.69 -34.98
C THR B 201 -8.96 6.68 -33.47
N LEU B 202 -10.01 6.65 -32.66
CA LEU B 202 -9.85 6.41 -31.23
C LEU B 202 -9.48 4.95 -30.96
N PHE B 203 -8.53 4.73 -30.07
CA PHE B 203 -8.31 3.39 -29.57
C PHE B 203 -7.94 3.43 -28.09
N GLY B 204 -8.53 2.52 -27.32
CA GLY B 204 -8.33 2.48 -25.89
C GLY B 204 -8.36 1.04 -25.41
N GLU B 205 -8.09 0.89 -24.12
CA GLU B 205 -8.01 -0.43 -23.51
C GLU B 205 -8.66 -0.38 -22.15
N SER B 206 -9.38 -1.46 -21.82
CA SER B 206 -10.06 -1.61 -20.52
C SER B 206 -11.00 -0.43 -20.33
N ALA B 207 -10.89 0.35 -19.24
CA ALA B 207 -11.71 1.55 -19.09
C ALA B 207 -11.48 2.56 -20.20
N GLY B 208 -10.32 2.51 -20.86
CA GLY B 208 -10.12 3.32 -22.05
C GLY B 208 -11.00 2.86 -23.20
N ALA B 209 -11.09 1.54 -23.40
CA ALA B 209 -12.01 1.01 -24.40
C ALA B 209 -13.45 1.35 -24.06
N ALA B 210 -13.84 1.20 -22.79
CA ALA B 210 -15.16 1.63 -22.37
C ALA B 210 -15.38 3.10 -22.67
N SER B 211 -14.37 3.93 -22.43
CA SER B 211 -14.48 5.35 -22.76
C SER B 211 -14.76 5.56 -24.24
N VAL B 212 -13.97 4.89 -25.10
CA VAL B 212 -14.20 4.94 -26.54
C VAL B 212 -15.65 4.61 -26.87
N GLY B 213 -16.22 3.61 -26.19
CA GLY B 213 -17.59 3.22 -26.45
C GLY B 213 -18.59 4.27 -26.01
N MET B 214 -18.33 4.92 -24.86
CA MET B 214 -19.23 5.98 -24.43
C MET B 214 -19.17 7.20 -25.33
N HIS B 215 -18.09 7.37 -26.11
CA HIS B 215 -18.02 8.47 -27.04
C HIS B 215 -18.82 8.16 -28.30
N LEU B 216 -18.82 6.89 -28.74
CA LEU B 216 -19.70 6.47 -29.83
C LEU B 216 -21.15 6.77 -29.50
N LEU B 217 -21.54 6.62 -28.24
CA LEU B 217 -22.93 6.76 -27.83
C LEU B 217 -23.28 8.16 -27.34
N SER B 218 -22.33 9.09 -27.35
CA SER B 218 -22.60 10.47 -27.02
C SER B 218 -22.49 11.31 -28.29
N PRO B 219 -23.59 11.91 -28.74
CA PRO B 219 -23.58 12.64 -30.02
C PRO B 219 -22.51 13.73 -30.07
N PRO B 220 -22.36 14.57 -29.03
CA PRO B 220 -21.31 15.62 -29.11
C PRO B 220 -19.92 15.06 -29.32
N SER B 221 -19.62 13.88 -28.80
CA SER B 221 -18.31 13.27 -29.03
C SER B 221 -18.24 12.54 -30.36
N ARG B 222 -19.38 12.08 -30.89
CA ARG B 222 -19.36 11.26 -32.09
C ARG B 222 -18.83 12.01 -33.30
N GLY B 223 -19.04 13.33 -33.34
CA GLY B 223 -18.53 14.13 -34.45
C GLY B 223 -17.03 14.30 -34.48
N LEU B 224 -16.32 13.94 -33.41
CA LEU B 224 -14.90 14.25 -33.29
C LEU B 224 -13.99 13.12 -33.75
N PHE B 225 -14.55 12.00 -34.20
CA PHE B 225 -13.73 10.87 -34.65
C PHE B 225 -14.54 10.06 -35.67
N HIS B 226 -13.88 9.06 -36.24
CA HIS B 226 -14.44 8.37 -37.40
C HIS B 226 -14.42 6.85 -37.25
N ARG B 227 -13.43 6.32 -36.54
CA ARG B 227 -13.37 4.89 -36.26
C ARG B 227 -12.96 4.68 -34.81
N ALA B 228 -13.29 3.49 -34.30
CA ALA B 228 -13.05 3.14 -32.91
C ALA B 228 -12.35 1.79 -32.83
N VAL B 229 -11.45 1.67 -31.85
CA VAL B 229 -10.84 0.39 -31.49
C VAL B 229 -11.03 0.19 -29.99
N LEU B 230 -11.59 -0.96 -29.61
CA LEU B 230 -11.92 -1.27 -28.22
C LEU B 230 -11.18 -2.54 -27.82
N GLN B 231 -10.19 -2.40 -26.93
CA GLN B 231 -9.34 -3.51 -26.53
C GLN B 231 -9.69 -3.89 -25.09
N SER B 232 -10.31 -5.06 -24.93
CA SER B 232 -10.59 -5.64 -23.62
C SER B 232 -11.47 -4.71 -22.77
N GLY B 233 -12.51 -4.17 -23.38
CA GLY B 233 -13.41 -3.31 -22.64
C GLY B 233 -14.55 -2.83 -23.51
N ALA B 234 -15.61 -2.40 -22.84
CA ALA B 234 -16.83 -1.99 -23.53
C ALA B 234 -17.64 -1.12 -22.58
N PRO B 235 -18.41 -0.17 -23.10
CA PRO B 235 -19.21 0.69 -22.22
C PRO B 235 -20.30 -0.04 -21.48
N ASN B 236 -20.73 -1.20 -21.97
CA ASN B 236 -21.83 -1.95 -21.38
C ASN B 236 -21.36 -2.96 -20.33
N GLY B 237 -20.08 -2.96 -19.98
CA GLY B 237 -19.58 -3.80 -18.91
C GLY B 237 -20.25 -3.48 -17.58
N PRO B 238 -20.40 -4.49 -16.72
CA PRO B 238 -21.06 -4.27 -15.42
C PRO B 238 -20.28 -3.36 -14.49
N TRP B 239 -19.04 -3.01 -14.82
CA TRP B 239 -18.20 -2.16 -14.00
C TRP B 239 -18.06 -0.75 -14.55
N ALA B 240 -18.46 -0.51 -15.80
CA ALA B 240 -18.13 0.73 -16.50
C ALA B 240 -19.09 1.88 -16.20
N THR B 241 -20.29 1.61 -15.71
CA THR B 241 -21.25 2.68 -15.45
C THR B 241 -21.88 2.46 -14.08
N VAL B 242 -22.62 3.47 -13.64
CA VAL B 242 -23.28 3.44 -12.33
C VAL B 242 -24.55 4.28 -12.41
N GLY B 243 -25.50 3.95 -11.55
CA GLY B 243 -26.75 4.70 -11.52
C GLY B 243 -26.63 6.00 -10.74
N MET B 244 -27.60 6.88 -10.98
CA MET B 244 -27.61 8.17 -10.29
C MET B 244 -27.68 7.99 -8.78
N GLY B 245 -28.60 7.14 -8.32
CA GLY B 245 -28.75 6.94 -6.88
C GLY B 245 -27.50 6.40 -6.23
N GLU B 246 -26.83 5.45 -6.90
CA GLU B 246 -25.61 4.89 -6.34
C GLU B 246 -24.45 5.89 -6.40
N ALA B 247 -24.41 6.72 -7.46
CA ALA B 247 -23.38 7.76 -7.54
C ALA B 247 -23.54 8.78 -6.43
N ARG B 248 -24.79 9.14 -6.11
CA ARG B 248 -25.03 10.04 -4.98
C ARG B 248 -24.64 9.40 -3.66
N ARG B 249 -24.97 8.12 -3.49
CA ARG B 249 -24.64 7.44 -2.24
C ARG B 249 -23.12 7.33 -2.06
N ARG B 250 -22.41 6.99 -3.14
CA ARG B 250 -20.97 6.85 -3.06
C ARG B 250 -20.30 8.19 -2.76
N ALA B 251 -20.72 9.25 -3.45
CA ALA B 251 -20.14 10.57 -3.22
C ALA B 251 -20.37 11.04 -1.79
N THR B 252 -21.60 10.85 -1.29
CA THR B 252 -21.90 11.25 0.08
C THR B 252 -21.08 10.45 1.09
N GLN B 253 -20.86 9.17 0.80
CA GLN B 253 -20.03 8.35 1.67
C GLN B 253 -18.60 8.86 1.72
N LEU B 254 -18.05 9.25 0.56
CA LEU B 254 -16.71 9.82 0.52
C LEU B 254 -16.64 11.11 1.32
N ALA B 255 -17.68 11.95 1.21
CA ALA B 255 -17.72 13.17 2.00
C ALA B 255 -17.72 12.86 3.50
N HIS B 256 -18.51 11.86 3.90
CA HIS B 256 -18.54 11.49 5.31
C HIS B 256 -17.16 11.04 5.79
N LEU B 257 -16.47 10.25 4.97
CA LEU B 257 -15.18 9.70 5.37
C LEU B 257 -14.13 10.79 5.59
N VAL B 258 -14.21 11.89 4.85
CA VAL B 258 -13.28 13.00 5.00
C VAL B 258 -13.83 14.11 5.87
N GLY B 259 -14.93 13.85 6.58
CA GLY B 259 -15.47 14.83 7.51
C GLY B 259 -16.33 15.90 6.87
N CYS B 260 -17.12 15.54 5.86
CA CYS B 260 -17.98 16.48 5.17
C CYS B 260 -19.43 16.02 5.23
N PRO B 261 -20.38 16.86 5.67
CA PRO B 261 -20.07 18.21 6.15
C PRO B 261 -19.68 18.18 7.63
N PRO B 262 -19.07 19.25 8.15
CA PRO B 262 -18.77 19.29 9.58
C PRO B 262 -20.04 19.19 10.39
N GLY B 263 -19.93 18.58 11.57
CA GLY B 263 -21.08 18.29 12.42
C GLY B 263 -22.01 19.46 12.66
N GLY B 264 -23.27 19.32 12.25
CA GLY B 264 -24.27 20.33 12.42
C GLY B 264 -24.63 21.10 11.16
N THR B 265 -23.80 21.01 10.13
CA THR B 265 -24.01 21.74 8.88
C THR B 265 -24.97 20.98 7.97
N GLY B 266 -25.77 21.73 7.21
CA GLY B 266 -26.66 21.11 6.24
C GLY B 266 -25.91 20.27 5.23
N GLY B 267 -26.64 19.35 4.60
CA GLY B 267 -26.03 18.40 3.69
C GLY B 267 -26.49 18.51 2.26
N ASN B 268 -26.97 19.68 1.84
CA ASN B 268 -27.34 19.86 0.44
C ASN B 268 -26.08 19.80 -0.43
N ASP B 269 -26.32 19.62 -1.74
CA ASP B 269 -25.21 19.39 -2.66
C ASP B 269 -24.22 20.55 -2.68
N THR B 270 -24.69 21.77 -2.45
CA THR B 270 -23.78 22.91 -2.52
C THR B 270 -22.77 22.89 -1.37
N GLU B 271 -23.25 22.71 -0.14
CA GLU B 271 -22.34 22.69 1.00
C GLU B 271 -21.46 21.44 1.00
N LEU B 272 -21.94 20.35 0.41
CA LEU B 272 -21.15 19.12 0.37
C LEU B 272 -19.94 19.25 -0.56
N VAL B 273 -20.17 19.75 -1.78
CA VAL B 273 -19.07 19.92 -2.72
C VAL B 273 -18.11 21.00 -2.24
N ALA B 274 -18.66 22.09 -1.68
CA ALA B 274 -17.80 23.14 -1.13
C ALA B 274 -16.87 22.58 -0.06
N CYS B 275 -17.39 21.69 0.80
CA CYS B 275 -16.54 21.03 1.79
C CYS B 275 -15.53 20.11 1.12
N LEU B 276 -15.95 19.37 0.08
CA LEU B 276 -15.03 18.46 -0.61
C LEU B 276 -13.90 19.22 -1.30
N ARG B 277 -14.17 20.44 -1.77
CA ARG B 277 -13.15 21.22 -2.46
C ARG B 277 -12.06 21.71 -1.52
N THR B 278 -12.35 21.83 -0.22
CA THR B 278 -11.33 22.28 0.73
C THR B 278 -10.37 21.17 1.14
N ARG B 279 -10.71 19.91 0.88
CA ARG B 279 -9.87 18.80 1.29
C ARG B 279 -8.68 18.64 0.34
N PRO B 280 -7.51 18.31 0.87
CA PRO B 280 -6.37 18.01 -0.01
C PRO B 280 -6.66 16.79 -0.87
N ALA B 281 -6.11 16.80 -2.09
CA ALA B 281 -6.43 15.76 -3.05
C ALA B 281 -6.06 14.38 -2.53
N GLN B 282 -4.91 14.25 -1.85
CA GLN B 282 -4.50 12.94 -1.36
C GLN B 282 -5.48 12.39 -0.32
N VAL B 283 -6.13 13.29 0.43
CA VAL B 283 -7.09 12.86 1.44
C VAL B 283 -8.28 12.16 0.79
N LEU B 284 -8.78 12.73 -0.32
CA LEU B 284 -9.87 12.08 -1.04
C LEU B 284 -9.43 10.74 -1.61
N VAL B 285 -8.20 10.66 -2.10
CA VAL B 285 -7.70 9.42 -2.70
C VAL B 285 -7.58 8.33 -1.63
N ASN B 286 -7.17 8.71 -0.42
CA ASN B 286 -6.92 7.73 0.62
C ASN B 286 -8.19 7.02 1.10
N HIS B 287 -9.37 7.54 0.76
CA HIS B 287 -10.64 6.95 1.20
C HIS B 287 -11.48 6.48 0.03
N GLU B 288 -10.88 6.35 -1.16
CA GLU B 288 -11.65 6.01 -2.35
C GLU B 288 -12.24 4.62 -2.26
N TRP B 289 -11.44 3.64 -1.86
CA TRP B 289 -11.92 2.26 -1.84
C TRP B 289 -12.88 1.99 -0.70
N HIS B 290 -12.79 2.76 0.40
CA HIS B 290 -13.70 2.60 1.52
C HIS B 290 -15.14 2.99 1.18
N VAL B 291 -15.39 3.45 -0.04
CA VAL B 291 -16.71 3.95 -0.40
C VAL B 291 -17.63 2.83 -0.82
N LEU B 292 -17.08 1.74 -1.36
CA LEU B 292 -17.86 0.60 -1.80
C LEU B 292 -18.23 -0.26 -0.60
N PRO B 293 -19.09 -1.27 -0.81
CA PRO B 293 -19.17 -2.37 0.18
C PRO B 293 -17.82 -3.04 0.43
N GLN B 294 -16.93 -3.02 -0.57
CA GLN B 294 -15.57 -3.56 -0.46
C GLN B 294 -15.56 -5.08 -0.32
N GLU B 295 -16.39 -5.74 -1.13
CA GLU B 295 -16.36 -7.20 -1.27
C GLU B 295 -16.45 -7.53 -2.75
N SER B 296 -15.52 -6.96 -3.52
CA SER B 296 -15.62 -7.04 -4.98
C SER B 296 -14.24 -6.94 -5.61
N VAL B 297 -13.88 -7.96 -6.37
CA VAL B 297 -12.93 -7.79 -7.46
C VAL B 297 -13.72 -7.22 -8.64
N PHE B 298 -13.15 -6.22 -9.27
CA PHE B 298 -13.75 -5.64 -10.41
C PHE B 298 -14.77 -4.58 -10.27
N ARG B 299 -14.88 -3.99 -9.13
CA ARG B 299 -15.82 -2.90 -8.91
C ARG B 299 -15.07 -1.65 -8.46
N PHE B 300 -15.37 -0.53 -9.11
CA PHE B 300 -14.65 0.72 -8.93
C PHE B 300 -15.59 1.81 -8.43
N SER B 301 -15.05 2.69 -7.58
CA SER B 301 -15.91 3.58 -6.81
C SER B 301 -16.57 4.64 -7.67
N PHE B 302 -15.79 5.32 -8.51
CA PHE B 302 -16.28 6.47 -9.27
C PHE B 302 -16.07 6.19 -10.75
N VAL B 303 -17.16 5.88 -11.44
CA VAL B 303 -17.14 5.51 -12.85
C VAL B 303 -18.16 6.41 -13.55
N PRO B 304 -18.24 6.41 -14.89
CA PRO B 304 -19.25 7.23 -15.55
C PRO B 304 -20.66 6.93 -15.04
N VAL B 305 -21.43 7.99 -14.80
CA VAL B 305 -22.80 7.87 -14.32
C VAL B 305 -23.75 8.06 -15.50
N VAL B 306 -24.91 7.42 -15.40
CA VAL B 306 -25.95 7.55 -16.43
C VAL B 306 -26.87 8.68 -15.97
N ASP B 307 -26.58 9.90 -16.44
CA ASP B 307 -27.26 11.09 -15.95
C ASP B 307 -28.31 11.63 -16.91
N GLY B 308 -28.29 11.22 -18.17
CA GLY B 308 -29.10 11.86 -19.19
C GLY B 308 -28.40 12.97 -19.94
N ASP B 309 -27.18 13.35 -19.51
CA ASP B 309 -26.42 14.40 -20.15
C ASP B 309 -25.43 13.78 -21.14
N PHE B 310 -24.29 13.31 -20.64
CA PHE B 310 -23.31 12.68 -21.53
C PHE B 310 -23.88 11.38 -22.11
N LEU B 311 -24.64 10.65 -21.31
CA LEU B 311 -25.31 9.42 -21.74
C LEU B 311 -26.79 9.60 -21.49
N SER B 312 -27.56 9.78 -22.58
CA SER B 312 -29.00 10.01 -22.45
C SER B 312 -29.71 8.79 -21.88
N ASP B 313 -29.16 7.60 -22.06
CA ASP B 313 -29.69 6.38 -21.50
C ASP B 313 -28.51 5.49 -21.11
N THR B 314 -28.81 4.31 -20.57
CA THR B 314 -27.77 3.34 -20.28
C THR B 314 -27.04 2.97 -21.58
N PRO B 315 -25.76 2.60 -21.48
CA PRO B 315 -25.06 2.15 -22.69
C PRO B 315 -25.75 0.98 -23.37
N GLU B 316 -26.32 0.06 -22.59
CA GLU B 316 -27.00 -1.09 -23.19
C GLU B 316 -28.18 -0.65 -24.06
N ALA B 317 -28.98 0.30 -23.58
CA ALA B 317 -30.09 0.81 -24.38
C ALA B 317 -29.59 1.51 -25.64
N LEU B 318 -28.60 2.39 -25.50
CA LEU B 318 -28.11 3.16 -26.63
C LEU B 318 -27.48 2.26 -27.69
N ILE B 319 -26.84 1.17 -27.28
CA ILE B 319 -26.26 0.24 -28.24
C ILE B 319 -27.36 -0.47 -29.03
N ASN B 320 -28.46 -0.81 -28.37
CA ASN B 320 -29.54 -1.53 -29.04
C ASN B 320 -30.28 -0.61 -30.00
N ALA B 321 -30.69 0.56 -29.53
CA ALA B 321 -31.45 1.52 -30.32
C ALA B 321 -30.59 2.39 -31.23
N GLY B 322 -29.37 1.99 -31.53
CA GLY B 322 -28.39 2.84 -32.20
C GLY B 322 -28.20 2.46 -33.65
N ASP B 323 -28.06 3.48 -34.50
CA ASP B 323 -27.71 3.30 -35.91
C ASP B 323 -26.22 3.54 -36.05
N PHE B 324 -25.50 2.54 -36.56
CA PHE B 324 -24.05 2.60 -36.65
C PHE B 324 -23.56 2.47 -38.08
N HIS B 325 -24.38 2.89 -39.05
CA HIS B 325 -23.95 2.88 -40.43
C HIS B 325 -22.83 3.91 -40.65
N GLY B 326 -21.86 3.55 -41.49
CA GLY B 326 -20.75 4.42 -41.76
C GLY B 326 -19.64 4.40 -40.74
N LEU B 327 -19.66 3.44 -39.82
CA LEU B 327 -18.65 3.34 -38.78
C LEU B 327 -17.93 2.01 -38.90
N GLN B 328 -16.61 2.04 -38.70
CA GLN B 328 -15.78 0.83 -38.63
C GLN B 328 -15.23 0.70 -37.23
N VAL B 329 -15.41 -0.46 -36.62
CA VAL B 329 -14.95 -0.72 -35.26
C VAL B 329 -14.04 -1.94 -35.26
N LEU B 330 -12.98 -1.88 -34.48
CA LEU B 330 -12.12 -3.02 -34.19
C LEU B 330 -12.24 -3.33 -32.70
N VAL B 331 -12.67 -4.55 -32.37
CA VAL B 331 -12.80 -4.97 -30.98
C VAL B 331 -12.03 -6.26 -30.79
N GLY B 332 -11.77 -6.58 -29.53
CA GLY B 332 -11.06 -7.81 -29.22
C GLY B 332 -10.78 -7.92 -27.75
N VAL B 333 -10.13 -9.01 -27.39
CA VAL B 333 -9.82 -9.37 -26.00
C VAL B 333 -8.55 -10.19 -26.01
N VAL B 334 -8.04 -10.50 -24.82
CA VAL B 334 -6.90 -11.37 -24.66
C VAL B 334 -7.39 -12.75 -24.24
N LYS B 335 -6.48 -13.73 -24.27
CA LYS B 335 -6.86 -15.12 -24.02
C LYS B 335 -7.45 -15.30 -22.64
N ASP B 336 -6.78 -14.77 -21.61
CA ASP B 336 -7.16 -14.99 -20.21
C ASP B 336 -7.49 -13.65 -19.57
N GLU B 337 -8.70 -13.16 -19.84
CA GLU B 337 -9.07 -11.81 -19.43
C GLU B 337 -9.16 -11.69 -17.92
N GLY B 338 -9.63 -12.73 -17.22
CA GLY B 338 -9.90 -12.61 -15.81
C GLY B 338 -8.76 -12.92 -14.87
N SER B 339 -7.67 -13.53 -15.35
CA SER B 339 -6.65 -14.03 -14.43
C SER B 339 -5.96 -12.89 -13.68
N TYR B 340 -5.75 -11.76 -14.33
CA TYR B 340 -5.08 -10.62 -13.70
C TYR B 340 -5.76 -10.22 -12.40
N PHE B 341 -7.09 -10.28 -12.37
CA PHE B 341 -7.86 -9.69 -11.30
C PHE B 341 -8.08 -10.61 -10.11
N LEU B 342 -7.81 -11.91 -10.26
CA LEU B 342 -8.08 -12.83 -9.17
C LEU B 342 -7.13 -12.64 -8.00
N VAL B 343 -5.89 -12.23 -8.27
CA VAL B 343 -4.92 -12.00 -7.20
C VAL B 343 -5.28 -10.75 -6.39
N TYR B 344 -6.35 -10.06 -6.79
CA TYR B 344 -6.77 -8.82 -6.14
C TYR B 344 -7.97 -9.01 -5.23
N GLY B 345 -8.14 -10.20 -4.67
CA GLY B 345 -9.23 -10.40 -3.73
C GLY B 345 -9.91 -11.76 -3.76
N ALA B 346 -9.56 -12.59 -4.73
CA ALA B 346 -10.17 -13.92 -4.79
C ALA B 346 -9.46 -14.86 -3.81
N PRO B 347 -10.21 -15.58 -2.96
CA PRO B 347 -9.56 -16.42 -1.95
C PRO B 347 -8.76 -17.55 -2.57
N GLY B 348 -7.62 -17.86 -1.94
CA GLY B 348 -6.74 -18.92 -2.40
C GLY B 348 -5.79 -18.54 -3.51
N PHE B 349 -5.88 -17.33 -4.04
CA PHE B 349 -5.07 -16.91 -5.17
C PHE B 349 -3.86 -16.11 -4.72
N SER B 350 -2.72 -16.37 -5.35
CA SER B 350 -1.49 -15.65 -5.11
C SER B 350 -0.63 -15.75 -6.36
N LYS B 351 0.04 -14.66 -6.71
CA LYS B 351 0.89 -14.71 -7.90
C LYS B 351 2.15 -15.53 -7.68
N ASP B 352 2.47 -15.86 -6.43
CA ASP B 352 3.73 -16.51 -6.11
C ASP B 352 3.58 -18.01 -5.86
N ASN B 353 2.37 -18.55 -5.96
CA ASN B 353 2.19 -19.99 -6.03
C ASN B 353 1.32 -20.32 -7.24
N GLU B 354 0.90 -21.56 -7.38
CA GLU B 354 0.15 -21.99 -8.55
C GLU B 354 -1.35 -21.78 -8.42
N SER B 355 -1.80 -21.19 -7.30
CA SER B 355 -3.19 -20.81 -7.11
C SER B 355 -4.15 -21.98 -7.36
N LEU B 356 -3.75 -23.16 -6.89
CA LEU B 356 -4.59 -24.37 -6.99
C LEU B 356 -5.67 -24.27 -5.92
N ILE B 357 -6.81 -23.73 -6.30
CA ILE B 357 -7.86 -23.43 -5.33
C ILE B 357 -8.74 -24.65 -5.13
N SER B 358 -9.43 -24.66 -3.99
CA SER B 358 -10.34 -25.74 -3.65
C SER B 358 -11.72 -25.42 -4.22
N ARG B 359 -12.63 -26.39 -4.11
CA ARG B 359 -14.01 -26.16 -4.53
C ARG B 359 -14.68 -25.08 -3.69
N ALA B 360 -14.41 -25.07 -2.38
CA ALA B 360 -14.97 -24.02 -1.53
C ALA B 360 -14.45 -22.65 -1.92
N GLU B 361 -13.15 -22.57 -2.24
CA GLU B 361 -12.58 -21.29 -2.67
C GLU B 361 -13.18 -20.87 -4.01
N PHE B 362 -13.42 -21.83 -4.91
CA PHE B 362 -14.07 -21.51 -6.17
C PHE B 362 -15.47 -20.96 -5.95
N LEU B 363 -16.24 -21.58 -5.05
CA LEU B 363 -17.59 -21.11 -4.77
C LEU B 363 -17.58 -19.74 -4.13
N ALA B 364 -16.56 -19.44 -3.31
CA ALA B 364 -16.46 -18.11 -2.71
C ALA B 364 -15.97 -17.09 -3.72
N GLY B 365 -15.02 -17.48 -4.57
CA GLY B 365 -14.51 -16.57 -5.58
C GLY B 365 -15.57 -16.12 -6.56
N VAL B 366 -16.54 -16.99 -6.87
CA VAL B 366 -17.62 -16.60 -7.77
C VAL B 366 -18.41 -15.45 -7.17
N ARG B 367 -18.53 -15.45 -5.84
CA ARG B 367 -19.23 -14.38 -5.14
C ARG B 367 -18.45 -13.06 -5.25
N VAL B 368 -17.11 -13.15 -5.31
CA VAL B 368 -16.29 -11.96 -5.41
C VAL B 368 -16.23 -11.46 -6.86
N GLY B 369 -16.11 -12.38 -7.82
CA GLY B 369 -16.03 -11.98 -9.22
C GLY B 369 -17.36 -11.51 -9.77
N VAL B 370 -18.46 -12.07 -9.27
CA VAL B 370 -19.80 -11.64 -9.66
C VAL B 370 -20.52 -11.16 -8.41
N PRO B 371 -20.29 -9.91 -7.97
CA PRO B 371 -20.72 -9.50 -6.63
C PRO B 371 -22.18 -9.13 -6.48
N GLN B 372 -22.82 -8.67 -7.54
CA GLN B 372 -24.17 -8.14 -7.42
C GLN B 372 -25.26 -9.20 -7.44
N VAL B 373 -24.91 -10.48 -7.65
CA VAL B 373 -25.91 -11.52 -7.89
C VAL B 373 -26.51 -12.05 -6.61
N SER B 374 -27.59 -12.81 -6.77
CA SER B 374 -28.22 -13.55 -5.69
C SER B 374 -27.63 -14.96 -5.61
N ASP B 375 -27.96 -15.64 -4.51
CA ASP B 375 -27.48 -17.00 -4.28
C ASP B 375 -27.85 -17.93 -5.42
N LEU B 376 -29.09 -17.84 -5.88
CA LEU B 376 -29.54 -18.70 -6.98
C LEU B 376 -28.79 -18.38 -8.26
N ALA B 377 -28.59 -17.09 -8.54
CA ALA B 377 -27.81 -16.71 -9.71
C ALA B 377 -26.39 -17.23 -9.61
N ALA B 378 -25.80 -17.18 -8.42
CA ALA B 378 -24.46 -17.72 -8.24
C ALA B 378 -24.43 -19.22 -8.51
N GLU B 379 -25.45 -19.96 -8.03
CA GLU B 379 -25.51 -21.38 -8.31
C GLU B 379 -25.53 -21.65 -9.81
N ALA B 380 -26.33 -20.88 -10.56
CA ALA B 380 -26.33 -21.03 -12.02
C ALA B 380 -24.94 -20.80 -12.60
N VAL B 381 -24.16 -19.89 -12.03
CA VAL B 381 -22.80 -19.66 -12.51
C VAL B 381 -21.91 -20.85 -12.18
N VAL B 382 -21.94 -21.27 -10.92
CA VAL B 382 -21.12 -22.40 -10.49
C VAL B 382 -21.41 -23.65 -11.32
N LEU B 383 -22.69 -23.95 -11.51
CA LEU B 383 -23.07 -25.18 -12.17
C LEU B 383 -22.90 -25.10 -13.69
N HIS B 384 -22.63 -23.91 -14.22
CA HIS B 384 -22.34 -23.74 -15.64
C HIS B 384 -20.84 -23.82 -15.94
N TYR B 385 -20.01 -23.37 -15.01
CA TYR B 385 -18.56 -23.35 -15.19
C TYR B 385 -17.87 -24.54 -14.55
N THR B 386 -18.63 -25.45 -13.93
CA THR B 386 -18.05 -26.66 -13.37
C THR B 386 -17.91 -27.72 -14.44
N ASP B 387 -16.74 -28.35 -14.52
CA ASP B 387 -16.56 -29.59 -15.26
C ASP B 387 -17.02 -30.73 -14.36
N TRP B 388 -18.14 -31.37 -14.72
CA TRP B 388 -18.75 -32.30 -13.78
C TRP B 388 -18.11 -33.68 -13.80
N LEU B 389 -17.17 -33.94 -14.71
CA LEU B 389 -16.32 -35.11 -14.61
C LEU B 389 -15.06 -34.86 -13.78
N HIS B 390 -14.75 -33.59 -13.49
CA HIS B 390 -13.65 -33.23 -12.60
C HIS B 390 -14.06 -32.01 -11.76
N PRO B 391 -15.11 -32.15 -10.95
CA PRO B 391 -15.64 -30.98 -10.23
C PRO B 391 -14.75 -30.49 -9.10
N GLU B 392 -13.61 -31.17 -8.84
CA GLU B 392 -12.74 -30.81 -7.74
C GLU B 392 -11.30 -30.55 -8.16
N ASP B 393 -10.94 -30.77 -9.42
CA ASP B 393 -9.59 -30.53 -9.89
C ASP B 393 -9.22 -29.06 -9.71
N PRO B 394 -8.22 -28.74 -8.88
CA PRO B 394 -7.92 -27.32 -8.63
C PRO B 394 -7.50 -26.55 -9.87
N ALA B 395 -6.67 -27.15 -10.73
CA ALA B 395 -6.24 -26.47 -11.94
C ALA B 395 -7.43 -26.07 -12.81
N ARG B 396 -8.42 -26.95 -12.94
CA ARG B 396 -9.59 -26.61 -13.74
C ARG B 396 -10.45 -25.58 -13.02
N LEU B 397 -10.56 -25.68 -11.70
CA LEU B 397 -11.33 -24.70 -10.95
C LEU B 397 -10.70 -23.32 -11.06
N ARG B 398 -9.36 -23.27 -11.05
CA ARG B 398 -8.65 -22.01 -11.20
C ARG B 398 -9.03 -21.34 -12.53
N GLU B 399 -8.91 -22.10 -13.63
CA GLU B 399 -9.25 -21.54 -14.93
C GLU B 399 -10.75 -21.30 -15.07
N ALA B 400 -11.57 -22.04 -14.33
CA ALA B 400 -13.00 -21.78 -14.39
C ALA B 400 -13.33 -20.43 -13.77
N LEU B 401 -12.73 -20.12 -12.62
CA LEU B 401 -12.98 -18.81 -12.00
C LEU B 401 -12.43 -17.68 -12.86
N SER B 402 -11.26 -17.90 -13.47
CA SER B 402 -10.74 -16.92 -14.41
C SER B 402 -11.71 -16.72 -15.57
N ASP B 403 -12.32 -17.80 -16.07
CA ASP B 403 -13.32 -17.67 -17.12
C ASP B 403 -14.56 -16.95 -16.62
N VAL B 404 -14.98 -17.24 -15.38
CA VAL B 404 -16.16 -16.57 -14.83
C VAL B 404 -15.94 -15.07 -14.81
N VAL B 405 -14.82 -14.63 -14.24
CA VAL B 405 -14.52 -13.21 -14.09
C VAL B 405 -14.27 -12.58 -15.45
N GLY B 406 -13.54 -13.28 -16.32
CA GLY B 406 -13.25 -12.73 -17.64
C GLY B 406 -14.46 -12.62 -18.53
N ASP B 407 -15.33 -13.64 -18.52
CA ASP B 407 -16.51 -13.60 -19.38
C ASP B 407 -17.49 -12.53 -18.89
N HIS B 408 -17.77 -12.51 -17.58
CA HIS B 408 -18.79 -11.61 -17.05
C HIS B 408 -18.38 -10.14 -17.21
N ASN B 409 -17.10 -9.84 -17.12
CA ASN B 409 -16.64 -8.46 -17.07
C ASN B 409 -16.12 -7.91 -18.40
N VAL B 410 -15.59 -8.76 -19.28
CA VAL B 410 -14.94 -8.26 -20.48
C VAL B 410 -15.48 -8.94 -21.72
N VAL B 411 -15.30 -10.27 -21.83
CA VAL B 411 -15.51 -10.96 -23.10
C VAL B 411 -16.97 -10.89 -23.54
N CYS B 412 -17.90 -11.06 -22.61
CA CYS B 412 -19.29 -11.08 -23.03
C CYS B 412 -19.87 -9.68 -23.22
N PRO B 413 -19.54 -8.69 -22.38
CA PRO B 413 -19.92 -7.31 -22.72
C PRO B 413 -19.36 -6.86 -24.06
N VAL B 414 -18.15 -7.32 -24.42
CA VAL B 414 -17.56 -6.95 -25.69
C VAL B 414 -18.26 -7.69 -26.84
N ALA B 415 -18.47 -9.00 -26.68
CA ALA B 415 -19.16 -9.76 -27.73
C ALA B 415 -20.58 -9.26 -27.94
N GLN B 416 -21.25 -8.90 -26.86
CA GLN B 416 -22.57 -8.27 -26.97
C GLN B 416 -22.51 -7.03 -27.85
N LEU B 417 -21.54 -6.15 -27.58
CA LEU B 417 -21.43 -4.91 -28.33
C LEU B 417 -21.08 -5.16 -29.79
N ALA B 418 -20.10 -6.04 -30.04
CA ALA B 418 -19.67 -6.30 -31.41
C ALA B 418 -20.78 -6.91 -32.26
N GLY B 419 -21.64 -7.74 -31.66
CA GLY B 419 -22.77 -8.28 -32.40
C GLY B 419 -23.78 -7.21 -32.75
N ARG B 420 -24.16 -6.38 -31.77
CA ARG B 420 -25.14 -5.34 -32.02
C ARG B 420 -24.65 -4.34 -33.06
N LEU B 421 -23.35 -4.02 -33.04
CA LEU B 421 -22.82 -3.05 -33.99
C LEU B 421 -22.87 -3.58 -35.41
N ALA B 422 -22.42 -4.82 -35.61
CA ALA B 422 -22.38 -5.39 -36.96
C ALA B 422 -23.79 -5.57 -37.52
N ALA B 423 -24.71 -6.03 -36.69
CA ALA B 423 -26.09 -6.21 -37.11
C ALA B 423 -26.83 -4.89 -37.33
N GLN B 424 -26.28 -3.78 -36.85
CA GLN B 424 -26.93 -2.48 -37.01
C GLN B 424 -26.13 -1.54 -37.90
N GLY B 425 -25.31 -2.08 -38.80
CA GLY B 425 -24.76 -1.30 -39.89
C GLY B 425 -23.30 -0.90 -39.77
N ALA B 426 -22.63 -1.29 -38.71
CA ALA B 426 -21.20 -0.99 -38.56
C ALA B 426 -20.38 -2.16 -39.05
N ARG B 427 -19.29 -1.86 -39.73
CA ARG B 427 -18.33 -2.89 -40.09
C ARG B 427 -17.41 -3.12 -38.89
N VAL B 428 -17.35 -4.38 -38.43
CA VAL B 428 -16.66 -4.72 -37.21
C VAL B 428 -15.63 -5.81 -37.50
N TYR B 429 -14.45 -5.68 -36.91
CA TYR B 429 -13.43 -6.73 -36.92
C TYR B 429 -13.12 -7.13 -35.48
N ALA B 430 -12.96 -8.43 -35.26
CA ALA B 430 -12.76 -8.94 -33.91
C ALA B 430 -11.51 -9.80 -33.85
N TYR B 431 -10.84 -9.77 -32.71
CA TYR B 431 -9.60 -10.52 -32.53
C TYR B 431 -9.58 -11.14 -31.13
N VAL B 432 -8.70 -12.11 -30.96
CA VAL B 432 -8.35 -12.65 -29.64
C VAL B 432 -6.83 -12.70 -29.59
N PHE B 433 -6.24 -12.00 -28.63
CA PHE B 433 -4.79 -11.93 -28.48
C PHE B 433 -4.32 -13.12 -27.66
N GLU B 434 -3.48 -13.97 -28.27
CA GLU B 434 -3.16 -15.27 -27.69
C GLU B 434 -1.67 -15.46 -27.46
N HIS B 435 -0.85 -14.44 -27.63
CA HIS B 435 0.59 -14.56 -27.40
C HIS B 435 0.94 -14.03 -26.02
N ARG B 436 1.63 -14.84 -25.24
CA ARG B 436 2.12 -14.44 -23.93
C ARG B 436 3.57 -13.98 -24.08
N ALA B 437 3.83 -12.71 -23.74
CA ALA B 437 5.15 -12.15 -23.96
C ALA B 437 6.22 -12.96 -23.23
N SER B 438 7.36 -13.17 -23.90
CA SER B 438 8.45 -13.91 -23.29
C SER B 438 9.00 -13.22 -22.05
N THR B 439 8.81 -11.91 -21.91
CA THR B 439 9.33 -11.15 -20.80
C THR B 439 8.30 -10.94 -19.69
N LEU B 440 7.14 -11.57 -19.79
CA LEU B 440 6.07 -11.36 -18.84
C LEU B 440 6.48 -11.80 -17.43
N SER B 441 6.22 -10.95 -16.44
CA SER B 441 6.64 -11.21 -15.07
C SER B 441 5.57 -11.86 -14.22
N TRP B 442 4.31 -11.78 -14.62
CA TRP B 442 3.24 -12.50 -13.93
C TRP B 442 3.46 -14.01 -14.09
N PRO B 443 2.89 -14.81 -13.19
CA PRO B 443 3.12 -16.26 -13.25
C PRO B 443 2.53 -16.91 -14.50
N LEU B 444 2.95 -18.14 -14.74
CA LEU B 444 2.54 -18.85 -15.95
C LEU B 444 1.05 -19.16 -15.95
N TRP B 445 0.46 -19.44 -14.79
CA TRP B 445 -0.94 -19.86 -14.77
C TRP B 445 -1.89 -18.73 -15.19
N MET B 446 -1.43 -17.49 -15.25
CA MET B 446 -2.28 -16.40 -15.71
C MET B 446 -2.36 -16.33 -17.22
N GLY B 447 -1.51 -17.06 -17.93
CA GLY B 447 -1.62 -17.12 -19.38
C GLY B 447 -1.31 -15.77 -20.01
N VAL B 448 -2.26 -15.23 -20.77
CA VAL B 448 -2.15 -13.93 -21.41
C VAL B 448 -3.07 -12.99 -20.64
N PRO B 449 -2.57 -12.32 -19.60
CA PRO B 449 -3.47 -11.57 -18.73
C PRO B 449 -3.96 -10.30 -19.40
N HIS B 450 -4.90 -9.67 -18.70
CA HIS B 450 -5.52 -8.45 -19.19
C HIS B 450 -4.50 -7.33 -19.29
N GLY B 451 -4.40 -6.73 -20.48
CA GLY B 451 -3.58 -5.56 -20.68
C GLY B 451 -2.23 -5.80 -21.31
N TYR B 452 -1.86 -7.06 -21.54
CA TYR B 452 -0.52 -7.37 -22.04
C TYR B 452 -0.50 -7.63 -23.53
N GLU B 453 -1.47 -7.06 -24.25
CA GLU B 453 -1.35 -6.86 -25.68
C GLU B 453 -0.87 -5.47 -26.03
N ILE B 454 -0.99 -4.53 -25.09
CA ILE B 454 -0.68 -3.12 -25.36
C ILE B 454 0.75 -2.95 -25.81
N GLU B 455 1.69 -3.59 -25.11
CA GLU B 455 3.11 -3.43 -25.44
C GLU B 455 3.43 -3.87 -26.87
N PHE B 456 2.62 -4.76 -27.44
CA PHE B 456 2.84 -5.17 -28.82
C PHE B 456 2.19 -4.22 -29.81
N ILE B 457 1.00 -3.72 -29.48
CA ILE B 457 0.35 -2.71 -30.32
C ILE B 457 1.23 -1.47 -30.43
N PHE B 458 1.88 -1.08 -29.34
CA PHE B 458 2.74 0.10 -29.32
C PHE B 458 4.17 -0.21 -29.74
N GLY B 459 4.47 -1.45 -30.10
CA GLY B 459 5.77 -1.77 -30.65
C GLY B 459 6.92 -1.74 -29.68
N ILE B 460 6.64 -1.83 -28.38
CA ILE B 460 7.69 -1.83 -27.35
C ILE B 460 8.76 -2.89 -27.62
N PRO B 461 8.45 -4.06 -28.20
CA PRO B 461 9.53 -5.00 -28.50
C PRO B 461 10.65 -4.43 -29.35
N LEU B 462 10.41 -3.34 -30.09
CA LEU B 462 11.46 -2.74 -30.91
C LEU B 462 12.49 -1.99 -30.07
N ASP B 463 12.22 -1.72 -28.80
CA ASP B 463 13.17 -1.06 -27.93
C ASP B 463 14.41 -1.93 -27.75
N PRO B 464 15.58 -1.47 -28.16
CA PRO B 464 16.78 -2.32 -28.06
C PRO B 464 17.18 -2.64 -26.63
N SER B 465 16.78 -1.82 -25.66
CA SER B 465 17.07 -2.09 -24.26
C SER B 465 16.09 -3.08 -23.65
N ARG B 466 15.41 -3.88 -24.44
CA ARG B 466 14.49 -4.90 -23.94
C ARG B 466 14.88 -6.26 -24.50
N ASN B 467 14.57 -7.31 -23.75
CA ASN B 467 14.95 -8.67 -24.12
C ASN B 467 13.80 -9.40 -24.80
N TYR B 468 13.19 -8.77 -25.80
CA TYR B 468 12.20 -9.43 -26.62
C TYR B 468 12.87 -10.26 -27.71
N THR B 469 12.18 -11.31 -28.16
CA THR B 469 12.72 -12.20 -29.18
C THR B 469 12.53 -11.62 -30.57
N ALA B 470 13.24 -12.20 -31.54
CA ALA B 470 13.13 -11.76 -32.93
C ALA B 470 11.72 -11.95 -33.45
N GLU B 471 11.06 -13.05 -33.08
CA GLU B 471 9.70 -13.32 -33.55
C GLU B 471 8.71 -12.31 -32.98
N GLU B 472 8.92 -11.89 -31.73
CA GLU B 472 8.04 -10.89 -31.13
C GLU B 472 8.24 -9.53 -31.80
N LYS B 473 9.44 -9.25 -32.30
CA LYS B 473 9.66 -8.03 -33.05
C LYS B 473 8.86 -8.04 -34.36
N ILE B 474 8.98 -9.13 -35.12
CA ILE B 474 8.19 -9.26 -36.34
C ILE B 474 6.70 -9.25 -36.01
N PHE B 475 6.32 -9.95 -34.93
CA PHE B 475 4.92 -9.96 -34.51
C PHE B 475 4.42 -8.57 -34.16
N ALA B 476 5.21 -7.79 -33.42
CA ALA B 476 4.79 -6.44 -33.06
C ALA B 476 4.64 -5.55 -34.30
N GLN B 477 5.51 -5.74 -35.29
CA GLN B 477 5.39 -4.97 -36.53
C GLN B 477 4.14 -5.37 -37.30
N ARG B 478 3.80 -6.66 -37.28
CA ARG B 478 2.57 -7.12 -37.92
C ARG B 478 1.35 -6.48 -37.27
N LEU B 479 1.33 -6.45 -35.93
CA LEU B 479 0.19 -5.87 -35.22
C LEU B 479 0.08 -4.37 -35.46
N MET B 480 1.22 -3.67 -35.53
CA MET B 480 1.18 -2.24 -35.81
C MET B 480 0.63 -1.96 -37.20
N ARG B 481 0.95 -2.83 -38.17
CA ARG B 481 0.39 -2.68 -39.51
C ARG B 481 -1.13 -2.89 -39.50
N TYR B 482 -1.61 -3.89 -38.76
CA TYR B 482 -3.05 -4.08 -38.63
C TYR B 482 -3.73 -2.83 -38.10
N TRP B 483 -3.26 -2.32 -36.96
CA TRP B 483 -3.89 -1.15 -36.35
C TRP B 483 -3.78 0.07 -37.26
N ALA B 484 -2.61 0.28 -37.86
CA ALA B 484 -2.44 1.42 -38.75
C ALA B 484 -3.29 1.30 -39.99
N ASN B 485 -3.30 0.12 -40.62
CA ASN B 485 -4.17 -0.10 -41.78
C ASN B 485 -5.62 0.22 -41.43
N PHE B 486 -6.07 -0.22 -40.26
CA PHE B 486 -7.43 0.09 -39.84
C PHE B 486 -7.62 1.60 -39.66
N ALA B 487 -6.58 2.29 -39.18
CA ALA B 487 -6.70 3.73 -38.98
C ALA B 487 -6.77 4.46 -40.32
N ARG B 488 -6.00 4.01 -41.31
CA ARG B 488 -6.03 4.65 -42.63
C ARG B 488 -7.31 4.33 -43.38
N THR B 489 -7.63 3.05 -43.55
CA THR B 489 -8.67 2.61 -44.47
C THR B 489 -9.94 2.06 -43.80
N GLY B 490 -9.91 1.79 -42.50
CA GLY B 490 -11.03 1.13 -41.85
C GLY B 490 -11.02 -0.37 -41.95
N ASP B 491 -9.95 -0.96 -42.47
CA ASP B 491 -9.83 -2.39 -42.72
C ASP B 491 -8.42 -2.83 -42.34
N PRO B 492 -8.27 -3.72 -41.35
CA PRO B 492 -6.91 -4.13 -40.94
C PRO B 492 -6.16 -4.89 -42.01
N ASN B 493 -6.86 -5.44 -43.00
CA ASN B 493 -6.19 -6.21 -44.04
C ASN B 493 -5.31 -5.31 -44.91
N GLU B 494 -4.25 -5.91 -45.44
CA GLU B 494 -3.35 -5.16 -46.31
C GLU B 494 -4.11 -4.66 -47.54
N PRO B 495 -4.04 -3.36 -47.85
CA PRO B 495 -4.92 -2.82 -48.91
C PRO B 495 -4.67 -3.42 -50.28
N ARG B 496 -3.51 -4.07 -50.51
CA ARG B 496 -3.22 -4.65 -51.82
C ARG B 496 -2.47 -5.97 -51.73
N ASP B 497 -2.36 -6.58 -50.56
CA ASP B 497 -1.61 -7.83 -50.41
C ASP B 497 -2.55 -8.98 -50.05
N PRO B 498 -2.89 -9.85 -51.00
CA PRO B 498 -3.64 -11.07 -50.67
C PRO B 498 -2.77 -12.27 -50.32
N LYS B 499 -1.45 -12.09 -50.27
CA LYS B 499 -0.55 -13.18 -49.87
C LYS B 499 -0.85 -13.65 -48.45
N ALA B 500 -0.82 -12.72 -47.50
CA ALA B 500 -1.05 -13.06 -46.11
C ALA B 500 -2.51 -13.48 -45.90
N PRO B 501 -2.77 -14.36 -44.94
CA PRO B 501 -4.15 -14.72 -44.62
C PRO B 501 -4.97 -13.47 -44.30
N GLN B 502 -6.24 -13.51 -44.65
CA GLN B 502 -7.08 -12.32 -44.56
C GLN B 502 -7.98 -12.39 -43.33
N TRP B 503 -8.32 -11.21 -42.83
CA TRP B 503 -9.08 -11.00 -41.61
C TRP B 503 -10.52 -10.70 -41.98
N PRO B 504 -11.43 -11.66 -41.89
CA PRO B 504 -12.81 -11.42 -42.29
C PRO B 504 -13.54 -10.57 -41.27
N PRO B 505 -14.48 -9.73 -41.70
CA PRO B 505 -15.29 -8.98 -40.74
C PRO B 505 -16.02 -9.89 -39.78
N TYR B 506 -16.47 -9.30 -38.68
CA TYR B 506 -17.25 -10.00 -37.67
C TYR B 506 -18.72 -9.64 -37.88
N THR B 507 -19.55 -10.66 -38.06
CA THR B 507 -20.97 -10.49 -38.28
C THR B 507 -21.75 -11.15 -37.16
N ALA B 508 -22.97 -10.67 -36.94
CA ALA B 508 -23.80 -11.23 -35.87
C ALA B 508 -24.11 -12.71 -36.10
N GLY B 509 -23.98 -13.20 -37.33
CA GLY B 509 -24.26 -14.59 -37.63
C GLY B 509 -23.02 -15.46 -37.63
N ALA B 510 -22.06 -15.17 -38.51
CA ALA B 510 -20.86 -16.00 -38.58
C ALA B 510 -19.97 -15.81 -37.36
N GLN B 511 -19.97 -14.62 -36.77
CA GLN B 511 -19.20 -14.32 -35.56
C GLN B 511 -17.73 -14.69 -35.73
N GLN B 512 -17.15 -14.25 -36.85
CA GLN B 512 -15.78 -14.59 -37.16
C GLN B 512 -14.81 -13.62 -36.50
N TYR B 513 -13.70 -14.15 -36.01
CA TYR B 513 -12.61 -13.35 -35.46
C TYR B 513 -11.32 -14.07 -35.81
N VAL B 514 -10.19 -13.42 -35.50
CA VAL B 514 -8.88 -14.00 -35.77
C VAL B 514 -8.09 -14.07 -34.46
N SER B 515 -7.21 -15.05 -34.37
CA SER B 515 -6.29 -15.16 -33.25
C SER B 515 -4.99 -14.47 -33.61
N LEU B 516 -4.55 -13.55 -32.75
CA LEU B 516 -3.29 -12.83 -32.94
C LEU B 516 -2.24 -13.48 -32.07
N ASP B 517 -1.26 -14.11 -32.71
CA ASP B 517 -0.11 -14.70 -32.02
C ASP B 517 1.01 -14.87 -33.04
N LEU B 518 2.07 -15.58 -32.63
CA LEU B 518 3.22 -15.72 -33.51
C LEU B 518 2.87 -16.45 -34.80
N ARG B 519 1.85 -17.31 -34.76
CA ARG B 519 1.41 -18.00 -35.96
C ARG B 519 0.66 -17.03 -36.88
N PRO B 520 0.60 -17.34 -38.18
CA PRO B 520 -0.21 -16.53 -39.08
C PRO B 520 -1.67 -16.49 -38.65
N LEU B 521 -2.39 -15.52 -39.19
CA LEU B 521 -3.79 -15.33 -38.83
C LEU B 521 -4.57 -16.63 -39.03
N GLU B 522 -5.50 -16.89 -38.11
CA GLU B 522 -6.36 -18.06 -38.19
C GLU B 522 -7.77 -17.62 -37.82
N VAL B 523 -8.73 -17.89 -38.69
CA VAL B 523 -10.11 -17.46 -38.47
C VAL B 523 -10.81 -18.48 -37.58
N ARG B 524 -11.62 -17.97 -36.65
CA ARG B 524 -12.44 -18.79 -35.77
C ARG B 524 -13.81 -18.15 -35.67
N ARG B 525 -14.75 -18.90 -35.09
CA ARG B 525 -16.14 -18.49 -35.00
C ARG B 525 -16.58 -18.53 -33.56
N GLY B 526 -17.19 -17.43 -33.10
CA GLY B 526 -17.75 -17.37 -31.76
C GLY B 526 -16.79 -16.82 -30.71
N LEU B 527 -17.13 -15.67 -30.13
CA LEU B 527 -16.37 -15.12 -29.02
C LEU B 527 -16.97 -15.67 -27.73
N ARG B 528 -16.59 -16.90 -27.41
CA ARG B 528 -17.13 -17.62 -26.25
C ARG B 528 -18.66 -17.62 -26.29
N ALA B 529 -19.19 -18.11 -27.42
CA ALA B 529 -20.61 -17.96 -27.71
C ALA B 529 -21.47 -18.69 -26.69
N GLN B 530 -21.08 -19.91 -26.31
CA GLN B 530 -21.86 -20.67 -25.34
C GLN B 530 -21.90 -19.96 -23.99
N ALA B 531 -20.73 -19.58 -23.47
CA ALA B 531 -20.69 -18.90 -22.17
C ALA B 531 -21.43 -17.58 -22.24
N CYS B 532 -21.24 -16.81 -23.32
CA CYS B 532 -21.81 -15.48 -23.37
C CYS B 532 -23.32 -15.50 -23.53
N ALA B 533 -23.88 -16.59 -24.06
CA ALA B 533 -25.33 -16.74 -24.04
C ALA B 533 -25.85 -16.85 -22.61
N PHE B 534 -25.06 -17.44 -21.71
CA PHE B 534 -25.47 -17.52 -20.32
C PHE B 534 -25.52 -16.15 -19.68
N TRP B 535 -24.51 -15.31 -19.93
CA TRP B 535 -24.50 -13.99 -19.32
C TRP B 535 -25.46 -13.05 -20.03
N ASN B 536 -25.45 -13.05 -21.36
CA ASN B 536 -26.22 -12.07 -22.11
C ASN B 536 -27.70 -12.43 -22.22
N ARG B 537 -28.05 -13.71 -22.21
CA ARG B 537 -29.43 -14.14 -22.43
C ARG B 537 -30.07 -14.74 -21.19
N PHE B 538 -29.45 -15.72 -20.56
CA PHE B 538 -30.14 -16.46 -19.51
C PHE B 538 -30.17 -15.68 -18.19
N LEU B 539 -29.01 -15.24 -17.71
CA LEU B 539 -28.94 -14.62 -16.39
C LEU B 539 -29.87 -13.42 -16.21
N PRO B 540 -29.97 -12.47 -17.16
CA PRO B 540 -30.96 -11.39 -16.98
C PRO B 540 -32.35 -11.92 -16.68
N LYS B 541 -32.66 -13.13 -17.14
CA LYS B 541 -33.98 -13.71 -16.88
C LYS B 541 -34.13 -14.24 -15.47
N LEU B 542 -33.03 -14.55 -14.76
CA LEU B 542 -33.16 -14.97 -13.37
C LEU B 542 -33.20 -13.82 -12.41
N LEU B 543 -32.56 -12.69 -12.76
CA LEU B 543 -32.75 -11.47 -11.99
C LEU B 543 -34.21 -11.00 -12.08
N SER B 544 -34.84 -11.19 -13.24
CA SER B 544 -36.26 -10.85 -13.42
C SER B 544 -37.18 -11.63 -12.48
N ALA B 545 -36.68 -12.70 -11.85
CA ALA B 545 -37.38 -13.35 -10.74
C ALA B 545 -36.96 -12.68 -9.43
N THR B 546 -37.34 -11.41 -9.31
CA THR B 546 -36.94 -10.57 -8.19
C THR B 546 -37.52 -11.07 -6.87
C1 DEP C . 2.98 -3.71 19.53
C2 DEP C . 1.52 -4.01 19.82
C3 DEP C . 2.85 -0.40 16.94
C4 DEP C . 3.41 -1.13 15.72
O1 DEP C . 2.95 -2.62 18.69
O2 DEP C . 3.85 -0.27 17.91
O3 DEP C . 5.40 -2.28 18.36
P DEP C . 4.20 -1.59 18.83
C1 GOL D . 3.56 13.31 13.95
O1 GOL D . 3.05 14.42 13.22
C2 GOL D . 4.39 13.79 15.14
O2 GOL D . 5.67 13.19 15.09
C3 GOL D . 4.51 15.32 15.12
O3 GOL D . 4.91 15.78 16.39
C1 GOL E . -8.54 13.18 24.14
O1 GOL E . -9.47 14.01 23.46
C2 GOL E . -9.07 11.75 24.13
O2 GOL E . -10.20 11.69 23.28
C3 GOL E . -9.47 11.35 25.55
O3 GOL E . -8.35 11.34 26.40
C1 GOL F . 6.47 1.83 16.40
O1 GOL F . 6.64 1.35 17.72
C2 GOL F . 5.58 3.07 16.49
O2 GOL F . 5.36 3.34 17.84
C3 GOL F . 4.24 2.77 15.81
O3 GOL F . 4.46 2.14 14.57
C1 GOL G . 19.91 -15.50 -1.53
O1 GOL G . 20.22 -14.14 -1.30
C2 GOL G . 18.48 -15.62 -2.07
O2 GOL G . 18.44 -16.65 -3.04
C3 GOL G . 18.03 -14.30 -2.67
O3 GOL G . 16.75 -14.44 -3.24
CAI LND H . -2.97 -5.00 7.99
CAF LND H . -3.15 -5.48 6.72
CAQ LND H . -2.17 -5.29 5.76
CAP LND H . -2.38 -5.82 4.37
OAB LND H . -3.46 -6.31 4.06
NAA LND H . -1.35 -5.73 3.54
CAG LND H . -1.01 -4.61 6.13
CAJ LND H . -0.87 -4.15 7.41
NAT LND H . -1.84 -4.35 8.31
CAM LND H . -1.68 -3.85 9.70
CAK LND H . -0.36 -3.13 9.95
CAL LND H . -0.58 -1.74 10.56
NAS LND H . -0.52 -1.63 12.02
CAH LND H . 0.12 -0.52 12.51
CAE LND H . 0.06 -0.60 13.89
NAO LND H . -0.61 -1.73 14.25
CAR LND H . -0.96 -2.35 13.12
CAD LND H . -1.69 -3.60 13.06
NAN LND H . -2.90 -3.66 12.65
OAC LND H . -3.49 -4.92 12.65
C1 DEP I . -11.60 -3.34 -16.02
C2 DEP I . -11.77 -4.19 -17.27
C3 DEP I . -8.29 -2.05 -14.64
C4 DEP I . -7.00 -2.65 -14.07
O1 DEP I . -11.18 -2.05 -16.37
O2 DEP I . -8.57 -2.62 -15.90
O3 DEP I . -9.35 -0.40 -16.89
P DEP I . -9.63 -1.84 -16.89
C1 GOL J . 5.43 -7.20 -17.65
O1 GOL J . 6.42 -8.00 -17.03
C2 GOL J . 6.04 -6.51 -18.87
O2 GOL J . 5.02 -6.04 -19.73
C3 GOL J . 7.00 -7.43 -19.62
O3 GOL J . 6.34 -8.12 -20.65
C1 GOL K . -10.29 23.50 -27.14
O1 GOL K . -9.56 22.68 -28.04
C2 GOL K . -11.45 24.18 -27.87
O2 GOL K . -11.13 25.53 -28.12
C3 GOL K . -12.70 24.09 -27.00
O3 GOL K . -13.71 24.90 -27.55
C1 GOL L . -4.85 -21.13 -19.38
O1 GOL L . -5.10 -20.06 -18.49
C2 GOL L . -3.48 -21.71 -19.07
O2 GOL L . -3.18 -21.53 -17.70
C3 GOL L . -2.44 -20.99 -19.93
O3 GOL L . -1.15 -21.19 -19.39
C1 GOL M . -4.29 -1.01 -15.85
O1 GOL M . -3.83 -2.20 -15.22
C2 GOL M . -4.22 -1.16 -17.36
O2 GOL M . -3.94 -2.49 -17.73
C3 GOL M . -5.59 -0.83 -17.94
O3 GOL M . -6.44 -1.88 -17.53
C1 GOL N . -6.02 22.53 -0.76
O1 GOL N . -5.67 21.38 -0.02
C2 GOL N . -7.35 22.28 -1.47
O2 GOL N . -7.08 21.81 -2.78
C3 GOL N . -8.16 23.57 -1.53
O3 GOL N . -7.86 24.27 -2.72
CAI LND O . -8.96 -3.14 -3.50
CAF LND O . -8.68 -2.81 -2.20
CAQ LND O . -7.65 -1.92 -1.93
CAP LND O . -7.35 -1.56 -0.50
OAB LND O . -7.63 -2.36 0.40
NAA LND O . -6.78 -0.38 -0.30
CAG LND O . -6.92 -1.40 -2.99
CAJ LND O . -7.23 -1.77 -4.27
NAT LND O . -8.23 -2.63 -4.50
CAM LND O . -8.55 -3.01 -5.90
CAK LND O . -7.29 -3.11 -6.73
CAL LND O . -7.51 -2.57 -8.15
NAS LND O . -7.59 -3.60 -9.18
CAH LND O . -6.53 -3.94 -9.98
CAE LND O . -6.99 -4.93 -10.82
NAO LND O . -8.31 -5.20 -10.55
CAR LND O . -8.65 -4.38 -9.55
CAD LND O . -9.96 -4.30 -8.93
NAN LND O . -10.21 -4.93 -7.84
OAC LND O . -11.49 -4.78 -7.35
#